data_456D
# 
_entry.id   456D 
# 
_audit_conform.dict_name       mmcif_pdbx.dic 
_audit_conform.dict_version    5.383 
_audit_conform.dict_location   http://mmcif.pdb.org/dictionaries/ascii/mmcif_pdbx.dic 
# 
loop_
_database_2.database_id 
_database_2.database_code 
_database_2.pdbx_database_accession 
_database_2.pdbx_DOI 
PDB   456D         pdb_0000456d 10.2210/pdb456d/pdb 
NDB   BD0009       ?            ?                   
RCSB  RCSB001331   ?            ?                   
WWPDB D_1000001331 ?            ?                   
# 
loop_
_pdbx_audit_revision_history.ordinal 
_pdbx_audit_revision_history.data_content_type 
_pdbx_audit_revision_history.major_revision 
_pdbx_audit_revision_history.minor_revision 
_pdbx_audit_revision_history.revision_date 
1 'Structure model' 1 0 2000-01-01 
2 'Structure model' 1 1 2008-04-26 
3 'Structure model' 1 2 2011-07-13 
4 'Structure model' 1 3 2023-12-27 
# 
_pdbx_audit_revision_details.ordinal             1 
_pdbx_audit_revision_details.revision_ordinal    1 
_pdbx_audit_revision_details.data_content_type   'Structure model' 
_pdbx_audit_revision_details.provider            repository 
_pdbx_audit_revision_details.type                'Initial release' 
_pdbx_audit_revision_details.description         ? 
_pdbx_audit_revision_details.details             ? 
# 
loop_
_pdbx_audit_revision_group.ordinal 
_pdbx_audit_revision_group.revision_ordinal 
_pdbx_audit_revision_group.data_content_type 
_pdbx_audit_revision_group.group 
1 2 'Structure model' 'Version format compliance' 
2 3 'Structure model' 'Version format compliance' 
3 4 'Structure model' 'Data collection'           
4 4 'Structure model' 'Database references'       
5 4 'Structure model' 'Derived calculations'      
# 
loop_
_pdbx_audit_revision_category.ordinal 
_pdbx_audit_revision_category.revision_ordinal 
_pdbx_audit_revision_category.data_content_type 
_pdbx_audit_revision_category.category 
1 4 'Structure model' chem_comp_atom         
2 4 'Structure model' chem_comp_bond         
3 4 'Structure model' database_2             
4 4 'Structure model' pdbx_struct_conn_angle 
5 4 'Structure model' struct_conn            
6 4 'Structure model' struct_conn_type       
7 4 'Structure model' struct_site            
# 
loop_
_pdbx_audit_revision_item.ordinal 
_pdbx_audit_revision_item.revision_ordinal 
_pdbx_audit_revision_item.data_content_type 
_pdbx_audit_revision_item.item 
1  4 'Structure model' '_database_2.pdbx_DOI'                      
2  4 'Structure model' '_database_2.pdbx_database_accession'       
3  4 'Structure model' '_pdbx_struct_conn_angle.ptnr1_auth_seq_id' 
4  4 'Structure model' '_pdbx_struct_conn_angle.ptnr3_auth_seq_id' 
5  4 'Structure model' '_pdbx_struct_conn_angle.value'             
6  4 'Structure model' '_struct_conn.conn_type_id'                 
7  4 'Structure model' '_struct_conn.id'                           
8  4 'Structure model' '_struct_conn.pdbx_dist_value'              
9  4 'Structure model' '_struct_conn.pdbx_leaving_atom_flag'       
10 4 'Structure model' '_struct_conn.ptnr1_auth_asym_id'           
11 4 'Structure model' '_struct_conn.ptnr1_auth_comp_id'           
12 4 'Structure model' '_struct_conn.ptnr1_auth_seq_id'            
13 4 'Structure model' '_struct_conn.ptnr1_label_asym_id'          
14 4 'Structure model' '_struct_conn.ptnr1_label_atom_id'          
15 4 'Structure model' '_struct_conn.ptnr1_label_comp_id'          
16 4 'Structure model' '_struct_conn.ptnr1_label_seq_id'           
17 4 'Structure model' '_struct_conn.ptnr2_auth_asym_id'           
18 4 'Structure model' '_struct_conn.ptnr2_auth_comp_id'           
19 4 'Structure model' '_struct_conn.ptnr2_auth_seq_id'            
20 4 'Structure model' '_struct_conn.ptnr2_label_asym_id'          
21 4 'Structure model' '_struct_conn.ptnr2_label_atom_id'          
22 4 'Structure model' '_struct_conn.ptnr2_label_comp_id'          
23 4 'Structure model' '_struct_conn.ptnr2_label_seq_id'           
24 4 'Structure model' '_struct_conn_type.id'                      
25 4 'Structure model' '_struct_site.pdbx_auth_asym_id'            
26 4 'Structure model' '_struct_site.pdbx_auth_comp_id'            
27 4 'Structure model' '_struct_site.pdbx_auth_seq_id'             
# 
_pdbx_database_status.status_code                     REL 
_pdbx_database_status.entry_id                        456D 
_pdbx_database_status.recvd_initial_deposition_date   1999-03-06 
_pdbx_database_status.deposit_site                    NDB 
_pdbx_database_status.process_site                    NDB 
_pdbx_database_status.SG_entry                        . 
_pdbx_database_status.pdb_format_compatible           Y 
_pdbx_database_status.status_code_mr                  ? 
_pdbx_database_status.status_code_sf                  ? 
_pdbx_database_status.status_code_cs                  ? 
_pdbx_database_status.status_code_nmr_data            ? 
_pdbx_database_status.methods_development_category    ? 
# 
loop_
_audit_author.name 
_audit_author.pdbx_ordinal 
'Chatake, T.'  1 
'Ono, A.'      2 
'Ueno, Y.'     3 
'Matsuda, A.'  4 
'Takenaka, A.' 5 
# 
loop_
_citation.id 
_citation.title 
_citation.journal_abbrev 
_citation.journal_volume 
_citation.page_first 
_citation.page_last 
_citation.year 
_citation.journal_id_ASTM 
_citation.country 
_citation.journal_id_ISSN 
_citation.journal_id_CSD 
_citation.book_publisher 
_citation.pdbx_database_id_PubMed 
_citation.pdbx_database_id_DOI 
primary 
;Crystallographic studies on damaged DNAs. I. An N(6)-methoxyadenine residue forms a Watson-Crick pair with a cytosine residue in a B-DNA duplex.
;
J.Mol.Biol.       294 1215 1222 1999 JMOBAK UK 0022-2836 0070 ? 10600379 10.1006/jmbi.1999.3303 
1       
;Crystallization and preliminary analysis of a DNA dodecamer of d(CGCGmo6AATCCGCG) containing 2'-deoxy-N6-methoxyadenosine: change in crystal packing with different humidity
;
'To be Published' ?   ?    ?    ?    ?      ?  ?         0353 ? ?        ?                      
# 
loop_
_citation_author.citation_id 
_citation_author.name 
_citation_author.ordinal 
_citation_author.identifier_ORCID 
primary 'Chatake, T.'  1  ? 
primary 'Ono, A.'      2  ? 
primary 'Ueno, Y.'     3  ? 
primary 'Matsuda, A.'  4  ? 
primary 'Takenaka, A.' 5  ? 
1       'Chatake, T.'  6  ? 
1       'Sunami, T.'   7  ? 
1       'Ono, A.'      8  ? 
1       'Ueno, Y.'     9  ? 
1       'Matsuda, A.'  10 ? 
1       'Takenaka, A.' 11 ? 
# 
loop_
_entity.id 
_entity.type 
_entity.src_method 
_entity.pdbx_description 
_entity.formula_weight 
_entity.pdbx_number_of_molecules 
_entity.pdbx_ec 
_entity.pdbx_mutation 
_entity.pdbx_fragment 
_entity.details 
1 polymer     syn 
;DNA (5'-D(*CP*GP*CP*GP*(A47)P*AP*TP*CP*CP*GP*CP*G)-3')
;
3678.407 2   ? ? ? ? 
2 non-polymer syn 'MAGNESIUM ION'                                          24.305   1   ? ? ? ? 
3 water       nat water                                                    18.015   173 ? ? ? ? 
# 
_entity_poly.entity_id                      1 
_entity_poly.type                           polydeoxyribonucleotide 
_entity_poly.nstd_linkage                   no 
_entity_poly.nstd_monomer                   yes 
_entity_poly.pdbx_seq_one_letter_code       '(DC)(DG)(DC)(DG)(A47)(DA)(DT)(DC)(DC)(DG)(DC)(DG)' 
_entity_poly.pdbx_seq_one_letter_code_can   CGCGAATCCGCG 
_entity_poly.pdbx_strand_id                 A,B 
_entity_poly.pdbx_target_identifier         ? 
# 
loop_
_pdbx_entity_nonpoly.entity_id 
_pdbx_entity_nonpoly.name 
_pdbx_entity_nonpoly.comp_id 
2 'MAGNESIUM ION' MG  
3 water           HOH 
# 
loop_
_entity_poly_seq.entity_id 
_entity_poly_seq.num 
_entity_poly_seq.mon_id 
_entity_poly_seq.hetero 
1 1  DC  n 
1 2  DG  n 
1 3  DC  n 
1 4  DG  n 
1 5  A47 n 
1 6  DA  n 
1 7  DT  n 
1 8  DC  n 
1 9  DC  n 
1 10 DG  n 
1 11 DC  n 
1 12 DG  n 
# 
loop_
_chem_comp.id 
_chem_comp.type 
_chem_comp.mon_nstd_flag 
_chem_comp.name 
_chem_comp.pdbx_synonyms 
_chem_comp.formula 
_chem_comp.formula_weight 
A47 'DNA linking' n 
;N6-METHOXY ADENOSINE 5'-MONOPHOSPHATE
;
? 'C11 H16 N5 O7 P' 361.248 
DA  'DNA linking' y "2'-DEOXYADENOSINE-5'-MONOPHOSPHATE"    ? 'C10 H14 N5 O6 P' 331.222 
DC  'DNA linking' y "2'-DEOXYCYTIDINE-5'-MONOPHOSPHATE"     ? 'C9 H14 N3 O7 P'  307.197 
DG  'DNA linking' y "2'-DEOXYGUANOSINE-5'-MONOPHOSPHATE"    ? 'C10 H14 N5 O7 P' 347.221 
DT  'DNA linking' y "THYMIDINE-5'-MONOPHOSPHATE"            ? 'C10 H15 N2 O8 P' 322.208 
HOH non-polymer   . WATER                                   ? 'H2 O'            18.015  
MG  non-polymer   . 'MAGNESIUM ION'                         ? 'Mg 2'            24.305  
# 
loop_
_pdbx_poly_seq_scheme.asym_id 
_pdbx_poly_seq_scheme.entity_id 
_pdbx_poly_seq_scheme.seq_id 
_pdbx_poly_seq_scheme.mon_id 
_pdbx_poly_seq_scheme.ndb_seq_num 
_pdbx_poly_seq_scheme.pdb_seq_num 
_pdbx_poly_seq_scheme.auth_seq_num 
_pdbx_poly_seq_scheme.pdb_mon_id 
_pdbx_poly_seq_scheme.auth_mon_id 
_pdbx_poly_seq_scheme.pdb_strand_id 
_pdbx_poly_seq_scheme.pdb_ins_code 
_pdbx_poly_seq_scheme.hetero 
A 1 1  DC  1  1  1  DC  C  A . n 
A 1 2  DG  2  2  2  DG  G  A . n 
A 1 3  DC  3  3  3  DC  C  A . n 
A 1 4  DG  4  4  4  DG  G  A . n 
A 1 5  A47 5  5  5  A47 +A A . n 
A 1 6  DA  6  6  6  DA  A  A . n 
A 1 7  DT  7  7  7  DT  T  A . n 
A 1 8  DC  8  8  8  DC  C  A . n 
A 1 9  DC  9  9  9  DC  C  A . n 
A 1 10 DG  10 10 10 DG  G  A . n 
A 1 11 DC  11 11 11 DC  C  A . n 
A 1 12 DG  12 12 12 DG  G  A . n 
B 1 1  DC  1  13 13 DC  C  B . n 
B 1 2  DG  2  14 14 DG  G  B . n 
B 1 3  DC  3  15 15 DC  C  B . n 
B 1 4  DG  4  16 16 DG  G  B . n 
B 1 5  A47 5  17 17 A47 +A B . n 
B 1 6  DA  6  18 18 DA  A  B . n 
B 1 7  DT  7  19 19 DT  T  B . n 
B 1 8  DC  8  20 20 DC  C  B . n 
B 1 9  DC  9  21 21 DC  C  B . n 
B 1 10 DG  10 22 22 DG  G  B . n 
B 1 11 DC  11 23 23 DC  C  B . n 
B 1 12 DG  12 24 24 DG  G  B . n 
# 
loop_
_pdbx_nonpoly_scheme.asym_id 
_pdbx_nonpoly_scheme.entity_id 
_pdbx_nonpoly_scheme.mon_id 
_pdbx_nonpoly_scheme.ndb_seq_num 
_pdbx_nonpoly_scheme.pdb_seq_num 
_pdbx_nonpoly_scheme.auth_seq_num 
_pdbx_nonpoly_scheme.pdb_mon_id 
_pdbx_nonpoly_scheme.auth_mon_id 
_pdbx_nonpoly_scheme.pdb_strand_id 
_pdbx_nonpoly_scheme.pdb_ins_code 
C 2 MG  1  25  25  MG  MO6 A . 
D 3 HOH 1  28  28  HOH HOH A . 
D 3 HOH 2  29  29  HOH HOH A . 
D 3 HOH 3  32  32  HOH HOH A . 
D 3 HOH 4  33  33  HOH HOH A . 
D 3 HOH 5  36  36  HOH HOH A . 
D 3 HOH 6  37  37  HOH HOH A . 
D 3 HOH 7  38  38  HOH HOH A . 
D 3 HOH 8  39  39  HOH HOH A . 
D 3 HOH 9  40  40  HOH HOH A . 
D 3 HOH 10 41  41  HOH HOH A . 
D 3 HOH 11 46  46  HOH HOH A . 
D 3 HOH 12 47  47  HOH HOH A . 
D 3 HOH 13 48  48  HOH HOH A . 
D 3 HOH 14 50  50  HOH HOH A . 
D 3 HOH 15 51  51  HOH HOH A . 
D 3 HOH 16 53  53  HOH HOH A . 
D 3 HOH 17 54  54  HOH HOH A . 
D 3 HOH 18 56  56  HOH HOH A . 
D 3 HOH 19 58  58  HOH HOH A . 
D 3 HOH 20 59  59  HOH HOH A . 
D 3 HOH 21 60  60  HOH HOH A . 
D 3 HOH 22 61  61  HOH HOH A . 
D 3 HOH 23 63  63  HOH HOH A . 
D 3 HOH 24 64  64  HOH HOH A . 
D 3 HOH 25 65  65  HOH HOH A . 
D 3 HOH 26 68  68  HOH HOH A . 
D 3 HOH 27 70  70  HOH HOH A . 
D 3 HOH 28 71  71  HOH HOH A . 
D 3 HOH 29 75  75  HOH HOH A . 
D 3 HOH 30 76  76  HOH HOH A . 
D 3 HOH 31 80  80  HOH HOH A . 
D 3 HOH 32 81  81  HOH HOH A . 
D 3 HOH 33 88  88  HOH HOH A . 
D 3 HOH 34 90  90  HOH HOH A . 
D 3 HOH 35 91  91  HOH HOH A . 
D 3 HOH 36 93  93  HOH HOH A . 
D 3 HOH 37 95  95  HOH HOH A . 
D 3 HOH 38 96  96  HOH HOH A . 
D 3 HOH 39 99  99  HOH HOH A . 
D 3 HOH 40 100 100 HOH HOH A . 
D 3 HOH 41 102 102 HOH HOH A . 
D 3 HOH 42 104 104 HOH HOH A . 
D 3 HOH 43 106 106 HOH HOH A . 
D 3 HOH 44 107 107 HOH HOH A . 
D 3 HOH 45 111 111 HOH HOH A . 
D 3 HOH 46 116 116 HOH HOH A . 
D 3 HOH 47 118 118 HOH HOH A . 
D 3 HOH 48 124 124 HOH HOH A . 
D 3 HOH 49 126 126 HOH HOH A . 
D 3 HOH 50 127 127 HOH HOH A . 
D 3 HOH 51 132 132 HOH HOH A . 
D 3 HOH 52 137 137 HOH HOH A . 
D 3 HOH 53 138 138 HOH HOH A . 
D 3 HOH 54 139 139 HOH HOH A . 
D 3 HOH 55 142 142 HOH HOH A . 
D 3 HOH 56 143 143 HOH HOH A . 
D 3 HOH 57 146 146 HOH HOH A . 
D 3 HOH 58 148 148 HOH HOH A . 
D 3 HOH 59 149 149 HOH HOH A . 
D 3 HOH 60 151 151 HOH HOH A . 
D 3 HOH 61 152 152 HOH HOH A . 
D 3 HOH 62 153 153 HOH HOH A . 
D 3 HOH 63 155 155 HOH HOH A . 
D 3 HOH 64 160 160 HOH HOH A . 
D 3 HOH 65 162 162 HOH HOH A . 
D 3 HOH 66 163 163 HOH HOH A . 
D 3 HOH 67 164 164 HOH HOH A . 
D 3 HOH 68 165 165 HOH HOH A . 
D 3 HOH 69 166 166 HOH HOH A . 
D 3 HOH 70 167 167 HOH HOH A . 
D 3 HOH 71 170 170 HOH HOH A . 
D 3 HOH 72 171 171 HOH HOH A . 
D 3 HOH 73 172 172 HOH HOH A . 
D 3 HOH 74 174 174 HOH HOH A . 
D 3 HOH 75 175 175 HOH HOH A . 
D 3 HOH 76 178 178 HOH HOH A . 
D 3 HOH 77 179 179 HOH HOH A . 
D 3 HOH 78 180 180 HOH HOH A . 
D 3 HOH 79 181 181 HOH HOH A . 
D 3 HOH 80 184 184 HOH HOH A . 
D 3 HOH 81 186 186 HOH HOH A . 
D 3 HOH 82 188 188 HOH HOH A . 
D 3 HOH 83 189 189 HOH HOH A . 
D 3 HOH 84 190 190 HOH HOH A . 
D 3 HOH 85 191 191 HOH HOH A . 
D 3 HOH 86 192 192 HOH HOH A . 
D 3 HOH 87 193 25  HOH MO6 A . 
D 3 HOH 88 196 25  HOH MO6 A . 
E 3 HOH 1  26  26  HOH HOH B . 
E 3 HOH 2  27  27  HOH HOH B . 
E 3 HOH 3  30  30  HOH HOH B . 
E 3 HOH 4  31  31  HOH HOH B . 
E 3 HOH 5  34  34  HOH HOH B . 
E 3 HOH 6  35  35  HOH HOH B . 
E 3 HOH 7  42  42  HOH HOH B . 
E 3 HOH 8  43  43  HOH HOH B . 
E 3 HOH 9  44  44  HOH HOH B . 
E 3 HOH 10 45  45  HOH HOH B . 
E 3 HOH 11 49  49  HOH HOH B . 
E 3 HOH 12 52  52  HOH HOH B . 
E 3 HOH 13 55  55  HOH HOH B . 
E 3 HOH 14 57  57  HOH HOH B . 
E 3 HOH 15 62  62  HOH HOH B . 
E 3 HOH 16 66  66  HOH HOH B . 
E 3 HOH 17 67  67  HOH HOH B . 
E 3 HOH 18 69  69  HOH HOH B . 
E 3 HOH 19 72  72  HOH HOH B . 
E 3 HOH 20 73  73  HOH HOH B . 
E 3 HOH 21 74  74  HOH HOH B . 
E 3 HOH 22 77  77  HOH HOH B . 
E 3 HOH 23 78  78  HOH HOH B . 
E 3 HOH 24 79  79  HOH HOH B . 
E 3 HOH 25 82  82  HOH HOH B . 
E 3 HOH 26 83  83  HOH HOH B . 
E 3 HOH 27 84  84  HOH HOH B . 
E 3 HOH 28 85  85  HOH HOH B . 
E 3 HOH 29 86  86  HOH HOH B . 
E 3 HOH 30 87  87  HOH HOH B . 
E 3 HOH 31 89  89  HOH HOH B . 
E 3 HOH 32 92  92  HOH HOH B . 
E 3 HOH 33 94  94  HOH HOH B . 
E 3 HOH 34 97  97  HOH HOH B . 
E 3 HOH 35 98  98  HOH HOH B . 
E 3 HOH 36 101 101 HOH HOH B . 
E 3 HOH 37 103 103 HOH HOH B . 
E 3 HOH 38 105 105 HOH HOH B . 
E 3 HOH 39 108 108 HOH HOH B . 
E 3 HOH 40 109 109 HOH HOH B . 
E 3 HOH 41 110 110 HOH HOH B . 
E 3 HOH 42 112 112 HOH HOH B . 
E 3 HOH 43 113 113 HOH HOH B . 
E 3 HOH 44 114 114 HOH HOH B . 
E 3 HOH 45 115 115 HOH HOH B . 
E 3 HOH 46 117 117 HOH HOH B . 
E 3 HOH 47 119 119 HOH HOH B . 
E 3 HOH 48 120 120 HOH HOH B . 
E 3 HOH 49 121 121 HOH HOH B . 
E 3 HOH 50 122 122 HOH HOH B . 
E 3 HOH 51 123 123 HOH HOH B . 
E 3 HOH 52 125 125 HOH HOH B . 
E 3 HOH 53 128 128 HOH HOH B . 
E 3 HOH 54 129 129 HOH HOH B . 
E 3 HOH 55 130 130 HOH HOH B . 
E 3 HOH 56 131 131 HOH HOH B . 
E 3 HOH 57 133 133 HOH HOH B . 
E 3 HOH 58 134 134 HOH HOH B . 
E 3 HOH 59 135 135 HOH HOH B . 
E 3 HOH 60 136 136 HOH HOH B . 
E 3 HOH 61 140 140 HOH HOH B . 
E 3 HOH 62 141 141 HOH HOH B . 
E 3 HOH 63 144 144 HOH HOH B . 
E 3 HOH 64 145 145 HOH HOH B . 
E 3 HOH 65 147 147 HOH HOH B . 
E 3 HOH 66 150 150 HOH HOH B . 
E 3 HOH 67 154 154 HOH HOH B . 
E 3 HOH 68 156 156 HOH HOH B . 
E 3 HOH 69 157 157 HOH HOH B . 
E 3 HOH 70 158 158 HOH HOH B . 
E 3 HOH 71 159 159 HOH HOH B . 
E 3 HOH 72 161 161 HOH HOH B . 
E 3 HOH 73 168 168 HOH HOH B . 
E 3 HOH 74 169 169 HOH HOH B . 
E 3 HOH 75 173 173 HOH HOH B . 
E 3 HOH 76 176 176 HOH HOH B . 
E 3 HOH 77 177 177 HOH HOH B . 
E 3 HOH 78 182 182 HOH HOH B . 
E 3 HOH 79 183 183 HOH HOH B . 
E 3 HOH 80 185 185 HOH HOH B . 
E 3 HOH 81 187 187 HOH HOH B . 
E 3 HOH 82 194 25  HOH MO6 B . 
E 3 HOH 83 195 25  HOH MO6 B . 
E 3 HOH 84 197 25  HOH MO6 B . 
E 3 HOH 85 198 25  HOH MO6 B . 
# 
loop_
_software.name 
_software.classification 
_software.version 
_software.citation_id 
_software.pdbx_ordinal 
AMoRE  phasing          .         ? 1 
X-PLOR refinement       3.843     ? 2 
DENZO  'data reduction' .         ? 3 
CCP4   'data scaling'   '(SCALA)' ? 4 
# 
_cell.entry_id           456D 
_cell.length_a           25.1 
_cell.length_b           39.9 
_cell.length_c           65.8 
_cell.angle_alpha        90.0 
_cell.angle_beta         90.0 
_cell.angle_gamma        90.0 
_cell.Z_PDB              8 
_cell.pdbx_unique_axis   ? 
# 
_symmetry.entry_id                         456D 
_symmetry.space_group_name_H-M             'P 21 21 21' 
_symmetry.pdbx_full_space_group_name_H-M   ? 
_symmetry.cell_setting                     orthorhombic 
_symmetry.Int_Tables_number                19 
# 
_exptl.entry_id          456D 
_exptl.method            'X-RAY DIFFRACTION' 
_exptl.crystals_number   2 
# 
_exptl_crystal.id                    1 
_exptl_crystal.density_meas          ? 
_exptl_crystal.density_percent_sol   42.89 
_exptl_crystal.density_Matthews      2.15 
_exptl_crystal.description           ? 
# 
_exptl_crystal_grow.crystal_id      1 
_exptl_crystal_grow.method          'VAPOR DIFFUSION, HANGING DROP' 
_exptl_crystal_grow.temp            277 
_exptl_crystal_grow.temp_details    ? 
_exptl_crystal_grow.pH              7.0 
_exptl_crystal_grow.pdbx_details    'pH 7.0, VAPOR DIFFUSION, HANGING DROP, temperature 277K' 
_exptl_crystal_grow.pdbx_pH_range   ? 
# 
loop_
_exptl_crystal_grow_comp.crystal_id 
_exptl_crystal_grow_comp.id 
_exptl_crystal_grow_comp.sol_id 
_exptl_crystal_grow_comp.name 
_exptl_crystal_grow_comp.volume 
_exptl_crystal_grow_comp.conc 
_exptl_crystal_grow_comp.details 
1 1 1 MPD                 ? ? ? 
1 2 1 SODIUM              ? ? ? 
1 3 1 CACODYLATE          ? ? ? 
1 4 1 'MAGNESIUM ACETATE' ? ? ? 
1 5 1 SPERMINE            ? ? ? 
# 
loop_
_diffrn.id 
_diffrn.ambient_temp 
_diffrn.ambient_temp_details 
_diffrn.crystal_id 
1 110 ? 1 
2 110 ? 1 
# 
loop_
_diffrn_detector.diffrn_id 
_diffrn_detector.detector 
_diffrn_detector.type 
_diffrn_detector.pdbx_collection_date 
_diffrn_detector.details 
1 'IMAGE PLATE' FUJI               1997-11-15 ?                
2 'IMAGE PLATE' 'RIGAKU RAXIS IIC' 1997-11-15 'SUPPER MIRRORS' 
# 
loop_
_diffrn_radiation.diffrn_id 
_diffrn_radiation.wavelength_id 
_diffrn_radiation.pdbx_monochromatic_or_laue_m_l 
_diffrn_radiation.monochromator 
_diffrn_radiation.pdbx_diffrn_protocol 
_diffrn_radiation.pdbx_scattering_type 
1 1 M ? 'SINGLE WAVELENGTH' x-ray 
2 2 M ? 'SINGLE WAVELENGTH' x-ray 
# 
loop_
_diffrn_radiation_wavelength.id 
_diffrn_radiation_wavelength.wavelength 
_diffrn_radiation_wavelength.wt 
1 1.0000 1.0 
2 1.5418 1.0 
# 
loop_
_diffrn_source.diffrn_id 
_diffrn_source.source 
_diffrn_source.type 
_diffrn_source.pdbx_synchrotron_site 
_diffrn_source.pdbx_synchrotron_beamline 
_diffrn_source.pdbx_wavelength 
_diffrn_source.pdbx_wavelength_list 
1 SYNCHROTRON      'PHOTON FACTORY BEAMLINE BL-6B' 'Photon Factory' BL-6B ? '1.0000, 1.5418' 
2 'ROTATING ANODE' 'RIGAKU RU300'                  ?                ?     ? ?                
# 
_reflns.entry_id                     456D 
_reflns.observed_criterion_sigma_I   3.0 
_reflns.observed_criterion_sigma_F   ? 
_reflns.d_resolution_low             100.00 
_reflns.d_resolution_high            1.60 
_reflns.number_obs                   ? 
_reflns.number_all                   8017 
_reflns.percent_possible_obs         87.1 
_reflns.pdbx_Rmerge_I_obs            0.06 
_reflns.pdbx_Rsym_value              ? 
_reflns.pdbx_netI_over_sigmaI        ? 
_reflns.B_iso_Wilson_estimate        ? 
_reflns.pdbx_redundancy              4 
_reflns.R_free_details               ? 
_reflns.pdbx_diffrn_id               1,2 
_reflns.pdbx_ordinal                 1 
# 
_reflns_shell.d_res_high             1.60 
_reflns_shell.d_res_low              1.69 
_reflns_shell.percent_possible_all   72.1 
_reflns_shell.Rmerge_I_obs           0.152 
_reflns_shell.pdbx_Rsym_value        ? 
_reflns_shell.meanI_over_sigI_obs    ? 
_reflns_shell.pdbx_redundancy        2.5 
_reflns_shell.percent_possible_obs   ? 
_reflns_shell.number_unique_all      ? 
_reflns_shell.pdbx_diffrn_id         ? 
_reflns_shell.pdbx_ordinal           1 
# 
_refine.entry_id                                 456D 
_refine.ls_number_reflns_obs                     7676 
_refine.ls_number_reflns_all                     7676 
_refine.pdbx_ls_sigma_I                          ? 
_refine.pdbx_ls_sigma_F                          0.0 
_refine.pdbx_data_cutoff_high_absF               ? 
_refine.pdbx_data_cutoff_low_absF                ? 
_refine.pdbx_data_cutoff_high_rms_absF           ? 
_refine.ls_d_res_low                             5.0 
_refine.ls_d_res_high                            1.6 
_refine.ls_percent_reflns_obs                    86.6 
_refine.ls_R_factor_obs                          0.196 
_refine.ls_R_factor_all                          0.2 
_refine.ls_R_factor_R_work                       0.196 
_refine.ls_R_factor_R_free                       0.231 
_refine.ls_R_factor_R_free_error                 ? 
_refine.ls_R_factor_R_free_error_details         ? 
_refine.ls_percent_reflns_R_free                 10 
_refine.ls_number_reflns_R_free                  790 
_refine.ls_number_parameters                     ? 
_refine.ls_number_restraints                     ? 
_refine.occupancy_min                            ? 
_refine.occupancy_max                            ? 
_refine.B_iso_mean                               ? 
_refine.aniso_B[1][1]                            ? 
_refine.aniso_B[2][2]                            ? 
_refine.aniso_B[3][3]                            ? 
_refine.aniso_B[1][2]                            ? 
_refine.aniso_B[1][3]                            ? 
_refine.aniso_B[2][3]                            ? 
_refine.solvent_model_details                    ? 
_refine.solvent_model_param_ksol                 ? 
_refine.solvent_model_param_bsol                 ? 
_refine.pdbx_ls_cross_valid_method               THROUGHOUT 
_refine.details                                  ? 
_refine.pdbx_starting_model                      ? 
_refine.pdbx_method_to_determine_struct          ? 
_refine.pdbx_isotropic_thermal_model             ? 
_refine.pdbx_stereochemistry_target_values       ? 
_refine.pdbx_stereochem_target_val_spec_case     ? 
_refine.pdbx_R_Free_selection_details            RANDOM 
_refine.pdbx_overall_ESU_R                       ? 
_refine.pdbx_overall_ESU_R_Free                  ? 
_refine.overall_SU_ML                            ? 
_refine.overall_SU_B                             ? 
_refine.ls_redundancy_reflns_obs                 ? 
_refine.correlation_coeff_Fo_to_Fc               ? 
_refine.correlation_coeff_Fo_to_Fc_free          ? 
_refine.overall_SU_R_Cruickshank_DPI             ? 
_refine.overall_SU_R_free                        ? 
_refine.pdbx_refine_id                           'X-RAY DIFFRACTION' 
_refine.pdbx_diffrn_id                           1 
_refine.pdbx_TLS_residual_ADP_flag               ? 
_refine.pdbx_solvent_vdw_probe_radii             ? 
_refine.pdbx_solvent_ion_probe_radii             ? 
_refine.pdbx_solvent_shrinkage_radii             ? 
_refine.pdbx_overall_phase_error                 ? 
_refine.pdbx_overall_SU_R_free_Cruickshank_DPI   ? 
_refine.pdbx_overall_SU_R_Blow_DPI               ? 
_refine.pdbx_overall_SU_R_free_Blow_DPI          ? 
# 
_refine_hist.pdbx_refine_id                   'X-RAY DIFFRACTION' 
_refine_hist.cycle_id                         LAST 
_refine_hist.pdbx_number_atoms_protein        0 
_refine_hist.pdbx_number_atoms_nucleic_acid   488 
_refine_hist.pdbx_number_atoms_ligand         11 
_refine_hist.number_atoms_solvent             167 
_refine_hist.number_atoms_total               666 
_refine_hist.d_res_high                       1.6 
_refine_hist.d_res_low                        5.0 
# 
loop_
_refine_ls_restr.type 
_refine_ls_restr.dev_ideal 
_refine_ls_restr.dev_ideal_target 
_refine_ls_restr.weight 
_refine_ls_restr.number 
_refine_ls_restr.pdbx_refine_id 
_refine_ls_restr.pdbx_restraint_function 
x_bond_d                0.009 ? ? ? 'X-RAY DIFFRACTION' ? 
x_bond_d_na             ?     ? ? ? 'X-RAY DIFFRACTION' ? 
x_bond_d_prot           ?     ? ? ? 'X-RAY DIFFRACTION' ? 
x_angle_d               ?     ? ? ? 'X-RAY DIFFRACTION' ? 
x_angle_d_na            ?     ? ? ? 'X-RAY DIFFRACTION' ? 
x_angle_d_prot          ?     ? ? ? 'X-RAY DIFFRACTION' ? 
x_angle_deg             1.39  ? ? ? 'X-RAY DIFFRACTION' ? 
x_angle_deg_na          ?     ? ? ? 'X-RAY DIFFRACTION' ? 
x_angle_deg_prot        ?     ? ? ? 'X-RAY DIFFRACTION' ? 
x_dihedral_angle_d      ?     ? ? ? 'X-RAY DIFFRACTION' ? 
x_dihedral_angle_d_na   ?     ? ? ? 'X-RAY DIFFRACTION' ? 
x_dihedral_angle_d_prot ?     ? ? ? 'X-RAY DIFFRACTION' ? 
x_improper_angle_d      ?     ? ? ? 'X-RAY DIFFRACTION' ? 
x_improper_angle_d_na   ?     ? ? ? 'X-RAY DIFFRACTION' ? 
x_improper_angle_d_prot ?     ? ? ? 'X-RAY DIFFRACTION' ? 
x_mcbond_it             ?     ? ? ? 'X-RAY DIFFRACTION' ? 
x_mcangle_it            ?     ? ? ? 'X-RAY DIFFRACTION' ? 
x_scbond_it             ?     ? ? ? 'X-RAY DIFFRACTION' ? 
x_scangle_it            ?     ? ? ? 'X-RAY DIFFRACTION' ? 
# 
_struct.entry_id                  456D 
_struct.title                     
'MOLECULAR AND CRYSTAL STRUCTURE OF D(CGCGMO6AATCCGCG): THE WATSON-CRICK TYPE N6-METHOXYADENOSINE/CYTIDINE BASE-PAIRS IN B-DNA' 
_struct.pdbx_model_details        ? 
_struct.pdbx_CASP_flag            ? 
_struct.pdbx_model_type_details   ? 
# 
_struct_keywords.entry_id        456D 
_struct_keywords.pdbx_keywords   DNA 
_struct_keywords.text            'MODIFIED NUCLEOTIDE, MISMATCH, METHOXYADENOSINE, DNA DAMAGE, B-DNA, DOUBLE HELIX, DNA' 
# 
loop_
_struct_asym.id 
_struct_asym.pdbx_blank_PDB_chainid_flag 
_struct_asym.pdbx_modified 
_struct_asym.entity_id 
_struct_asym.details 
A N N 1 ? 
B N N 1 ? 
C N N 2 ? 
D N N 3 ? 
E N N 3 ? 
# 
_struct_ref.id                         1 
_struct_ref.entity_id                  1 
_struct_ref.db_name                    PDB 
_struct_ref.db_code                    456D 
_struct_ref.pdbx_db_accession          456D 
_struct_ref.pdbx_db_isoform            ? 
_struct_ref.pdbx_seq_one_letter_code   ? 
_struct_ref.pdbx_align_begin           ? 
# 
loop_
_struct_ref_seq.align_id 
_struct_ref_seq.ref_id 
_struct_ref_seq.pdbx_PDB_id_code 
_struct_ref_seq.pdbx_strand_id 
_struct_ref_seq.seq_align_beg 
_struct_ref_seq.pdbx_seq_align_beg_ins_code 
_struct_ref_seq.seq_align_end 
_struct_ref_seq.pdbx_seq_align_end_ins_code 
_struct_ref_seq.pdbx_db_accession 
_struct_ref_seq.db_align_beg 
_struct_ref_seq.pdbx_db_align_beg_ins_code 
_struct_ref_seq.db_align_end 
_struct_ref_seq.pdbx_db_align_end_ins_code 
_struct_ref_seq.pdbx_auth_seq_align_beg 
_struct_ref_seq.pdbx_auth_seq_align_end 
1 1 456D A 1 ? 12 ? 456D 1  ? 12 ? 1  12 
2 1 456D B 1 ? 12 ? 456D 13 ? 24 ? 13 24 
# 
_pdbx_struct_assembly.id                   1 
_pdbx_struct_assembly.details              author_defined_assembly 
_pdbx_struct_assembly.method_details       ? 
_pdbx_struct_assembly.oligomeric_details   dimeric 
_pdbx_struct_assembly.oligomeric_count     2 
# 
_pdbx_struct_assembly_gen.assembly_id       1 
_pdbx_struct_assembly_gen.oper_expression   1 
_pdbx_struct_assembly_gen.asym_id_list      A,B,C,D,E 
# 
_pdbx_struct_oper_list.id                   1 
_pdbx_struct_oper_list.type                 'identity operation' 
_pdbx_struct_oper_list.name                 1_555 
_pdbx_struct_oper_list.symmetry_operation   x,y,z 
_pdbx_struct_oper_list.matrix[1][1]         1.0000000000 
_pdbx_struct_oper_list.matrix[1][2]         0.0000000000 
_pdbx_struct_oper_list.matrix[1][3]         0.0000000000 
_pdbx_struct_oper_list.vector[1]            0.0000000000 
_pdbx_struct_oper_list.matrix[2][1]         0.0000000000 
_pdbx_struct_oper_list.matrix[2][2]         1.0000000000 
_pdbx_struct_oper_list.matrix[2][3]         0.0000000000 
_pdbx_struct_oper_list.vector[2]            0.0000000000 
_pdbx_struct_oper_list.matrix[3][1]         0.0000000000 
_pdbx_struct_oper_list.matrix[3][2]         0.0000000000 
_pdbx_struct_oper_list.matrix[3][3]         1.0000000000 
_pdbx_struct_oper_list.vector[3]            0.0000000000 
# 
_struct_biol.id                    1 
_struct_biol.pdbx_parent_biol_id   ? 
_struct_biol.details               ? 
# 
loop_
_struct_conn.id 
_struct_conn.conn_type_id 
_struct_conn.pdbx_leaving_atom_flag 
_struct_conn.pdbx_PDB_id 
_struct_conn.ptnr1_label_asym_id 
_struct_conn.ptnr1_label_comp_id 
_struct_conn.ptnr1_label_seq_id 
_struct_conn.ptnr1_label_atom_id 
_struct_conn.pdbx_ptnr1_label_alt_id 
_struct_conn.pdbx_ptnr1_PDB_ins_code 
_struct_conn.pdbx_ptnr1_standard_comp_id 
_struct_conn.ptnr1_symmetry 
_struct_conn.ptnr2_label_asym_id 
_struct_conn.ptnr2_label_comp_id 
_struct_conn.ptnr2_label_seq_id 
_struct_conn.ptnr2_label_atom_id 
_struct_conn.pdbx_ptnr2_label_alt_id 
_struct_conn.pdbx_ptnr2_PDB_ins_code 
_struct_conn.ptnr1_auth_asym_id 
_struct_conn.ptnr1_auth_comp_id 
_struct_conn.ptnr1_auth_seq_id 
_struct_conn.ptnr2_auth_asym_id 
_struct_conn.ptnr2_auth_comp_id 
_struct_conn.ptnr2_auth_seq_id 
_struct_conn.ptnr2_symmetry 
_struct_conn.pdbx_ptnr3_label_atom_id 
_struct_conn.pdbx_ptnr3_label_seq_id 
_struct_conn.pdbx_ptnr3_label_comp_id 
_struct_conn.pdbx_ptnr3_label_asym_id 
_struct_conn.pdbx_ptnr3_label_alt_id 
_struct_conn.pdbx_ptnr3_PDB_ins_code 
_struct_conn.details 
_struct_conn.pdbx_dist_value 
_struct_conn.pdbx_value_order 
_struct_conn.pdbx_role 
covale1  covale both ? A DG  4  "O3'" ? ? ? 1_555 A A47 5  P  ? ? A DG  4  A A47 5   1_555 ? ? ? ? ? ? ?                1.611 ? ? 
covale2  covale one  ? A A47 5  "O3'" ? ? ? 1_555 A DA  6  P  ? ? A A47 5  A DA  6   1_555 ? ? ? ? ? ? ?                1.607 ? ? 
covale3  covale both ? B DG  4  "O3'" ? ? ? 1_555 B A47 5  P  ? ? B DG  16 B A47 17  1_555 ? ? ? ? ? ? ?                1.628 ? ? 
covale4  covale one  ? B A47 5  "O3'" ? ? ? 1_555 B DA  6  P  ? ? B A47 17 B DA  18  1_555 ? ? ? ? ? ? ?                1.630 ? ? 
metalc1  metalc ?    ? C MG  .  MG    ? ? ? 1_555 D HOH .  O  ? ? A MG  25 A HOH 193 1_555 ? ? ? ? ? ? ?                2.057 ? ? 
metalc2  metalc ?    ? C MG  .  MG    ? ? ? 1_555 D HOH .  O  ? ? A MG  25 A HOH 196 1_555 ? ? ? ? ? ? ?                2.053 ? ? 
metalc3  metalc ?    ? C MG  .  MG    ? ? ? 1_555 E HOH .  O  ? ? A MG  25 B HOH 194 1_555 ? ? ? ? ? ? ?                2.082 ? ? 
metalc4  metalc ?    ? C MG  .  MG    ? ? ? 1_555 E HOH .  O  ? ? A MG  25 B HOH 195 1_555 ? ? ? ? ? ? ?                2.035 ? ? 
metalc5  metalc ?    ? C MG  .  MG    ? ? ? 1_555 E HOH .  O  ? ? A MG  25 B HOH 197 1_555 ? ? ? ? ? ? ?                2.066 ? ? 
metalc6  metalc ?    ? C MG  .  MG    ? ? ? 1_555 E HOH .  O  ? ? A MG  25 B HOH 198 1_555 ? ? ? ? ? ? ?                2.078 ? ? 
hydrog1  hydrog ?    ? A DC  1  N3    ? ? ? 1_555 B DG  12 N1 ? ? A DC  1  B DG  24  1_555 ? ? ? ? ? ? WATSON-CRICK     ?     ? ? 
hydrog2  hydrog ?    ? A DC  1  N4    ? ? ? 1_555 B DG  12 O6 ? ? A DC  1  B DG  24  1_555 ? ? ? ? ? ? WATSON-CRICK     ?     ? ? 
hydrog3  hydrog ?    ? A DC  1  O2    ? ? ? 1_555 B DG  12 N2 ? ? A DC  1  B DG  24  1_555 ? ? ? ? ? ? WATSON-CRICK     ?     ? ? 
hydrog4  hydrog ?    ? A DG  2  N1    ? ? ? 1_555 B DC  11 N3 ? ? A DG  2  B DC  23  1_555 ? ? ? ? ? ? WATSON-CRICK     ?     ? ? 
hydrog5  hydrog ?    ? A DG  2  N2    ? ? ? 1_555 B DC  11 O2 ? ? A DG  2  B DC  23  1_555 ? ? ? ? ? ? WATSON-CRICK     ?     ? ? 
hydrog6  hydrog ?    ? A DG  2  O6    ? ? ? 1_555 B DC  11 N4 ? ? A DG  2  B DC  23  1_555 ? ? ? ? ? ? WATSON-CRICK     ?     ? ? 
hydrog7  hydrog ?    ? A DC  3  N3    ? ? ? 1_555 B DG  10 N1 ? ? A DC  3  B DG  22  1_555 ? ? ? ? ? ? WATSON-CRICK     ?     ? ? 
hydrog8  hydrog ?    ? A DC  3  N4    ? ? ? 1_555 B DG  10 O6 ? ? A DC  3  B DG  22  1_555 ? ? ? ? ? ? WATSON-CRICK     ?     ? ? 
hydrog9  hydrog ?    ? A DC  3  O2    ? ? ? 1_555 B DG  10 N2 ? ? A DC  3  B DG  22  1_555 ? ? ? ? ? ? WATSON-CRICK     ?     ? ? 
hydrog10 hydrog ?    ? A DG  4  N1    ? ? ? 1_555 B DC  9  N3 ? ? A DG  4  B DC  21  1_555 ? ? ? ? ? ? WATSON-CRICK     ?     ? ? 
hydrog11 hydrog ?    ? A DG  4  N2    ? ? ? 1_555 B DC  9  O2 ? ? A DG  4  B DC  21  1_555 ? ? ? ? ? ? WATSON-CRICK     ?     ? ? 
hydrog12 hydrog ?    ? A DG  4  O6    ? ? ? 1_555 B DC  9  N4 ? ? A DG  4  B DC  21  1_555 ? ? ? ? ? ? WATSON-CRICK     ?     ? ? 
hydrog13 hydrog ?    ? A A47 5  N6    ? ? ? 1_555 B DC  8  N3 ? ? A A47 5  B DC  20  1_555 ? ? ? ? ? ? 'A47-DC MISPAIR' ?     ? ? 
hydrog14 hydrog ?    ? A DA  6  N1    ? ? ? 1_555 B DT  7  N3 ? ? A DA  6  B DT  19  1_555 ? ? ? ? ? ? WATSON-CRICK     ?     ? ? 
hydrog15 hydrog ?    ? A DA  6  N6    ? ? ? 1_555 B DT  7  O4 ? ? A DA  6  B DT  19  1_555 ? ? ? ? ? ? WATSON-CRICK     ?     ? ? 
hydrog16 hydrog ?    ? A DT  7  N3    ? ? ? 1_555 B DA  6  N1 ? ? A DT  7  B DA  18  1_555 ? ? ? ? ? ? WATSON-CRICK     ?     ? ? 
hydrog17 hydrog ?    ? A DT  7  O4    ? ? ? 1_555 B DA  6  N6 ? ? A DT  7  B DA  18  1_555 ? ? ? ? ? ? WATSON-CRICK     ?     ? ? 
hydrog18 hydrog ?    ? A DC  9  N3    ? ? ? 1_555 B DG  4  N1 ? ? A DC  9  B DG  16  1_555 ? ? ? ? ? ? WATSON-CRICK     ?     ? ? 
hydrog19 hydrog ?    ? A DC  9  N4    ? ? ? 1_555 B DG  4  O6 ? ? A DC  9  B DG  16  1_555 ? ? ? ? ? ? WATSON-CRICK     ?     ? ? 
hydrog20 hydrog ?    ? A DC  9  O2    ? ? ? 1_555 B DG  4  N2 ? ? A DC  9  B DG  16  1_555 ? ? ? ? ? ? WATSON-CRICK     ?     ? ? 
hydrog21 hydrog ?    ? A DG  10 N1    ? ? ? 1_555 B DC  3  N3 ? ? A DG  10 B DC  15  1_555 ? ? ? ? ? ? WATSON-CRICK     ?     ? ? 
hydrog22 hydrog ?    ? A DG  10 N2    ? ? ? 1_555 B DC  3  O2 ? ? A DG  10 B DC  15  1_555 ? ? ? ? ? ? WATSON-CRICK     ?     ? ? 
hydrog23 hydrog ?    ? A DG  10 O6    ? ? ? 1_555 B DC  3  N4 ? ? A DG  10 B DC  15  1_555 ? ? ? ? ? ? WATSON-CRICK     ?     ? ? 
hydrog24 hydrog ?    ? A DC  11 N3    ? ? ? 1_555 B DG  2  N1 ? ? A DC  11 B DG  14  1_555 ? ? ? ? ? ? WATSON-CRICK     ?     ? ? 
hydrog25 hydrog ?    ? A DC  11 N4    ? ? ? 1_555 B DG  2  O6 ? ? A DC  11 B DG  14  1_555 ? ? ? ? ? ? WATSON-CRICK     ?     ? ? 
hydrog26 hydrog ?    ? A DC  11 O2    ? ? ? 1_555 B DG  2  N2 ? ? A DC  11 B DG  14  1_555 ? ? ? ? ? ? WATSON-CRICK     ?     ? ? 
hydrog27 hydrog ?    ? A DG  12 N1    ? ? ? 1_555 B DC  1  N3 ? ? A DG  12 B DC  13  1_555 ? ? ? ? ? ? WATSON-CRICK     ?     ? ? 
hydrog28 hydrog ?    ? A DG  12 N2    ? ? ? 1_555 B DC  1  O2 ? ? A DG  12 B DC  13  1_555 ? ? ? ? ? ? WATSON-CRICK     ?     ? ? 
hydrog29 hydrog ?    ? A DG  12 O6    ? ? ? 1_555 B DC  1  N4 ? ? A DG  12 B DC  13  1_555 ? ? ? ? ? ? WATSON-CRICK     ?     ? ? 
# 
loop_
_struct_conn_type.id 
_struct_conn_type.criteria 
_struct_conn_type.reference 
covale ? ? 
metalc ? ? 
hydrog ? ? 
# 
loop_
_pdbx_struct_conn_angle.id 
_pdbx_struct_conn_angle.ptnr1_label_atom_id 
_pdbx_struct_conn_angle.ptnr1_label_alt_id 
_pdbx_struct_conn_angle.ptnr1_label_asym_id 
_pdbx_struct_conn_angle.ptnr1_label_comp_id 
_pdbx_struct_conn_angle.ptnr1_label_seq_id 
_pdbx_struct_conn_angle.ptnr1_auth_atom_id 
_pdbx_struct_conn_angle.ptnr1_auth_asym_id 
_pdbx_struct_conn_angle.ptnr1_auth_comp_id 
_pdbx_struct_conn_angle.ptnr1_auth_seq_id 
_pdbx_struct_conn_angle.ptnr1_PDB_ins_code 
_pdbx_struct_conn_angle.ptnr1_symmetry 
_pdbx_struct_conn_angle.ptnr2_label_atom_id 
_pdbx_struct_conn_angle.ptnr2_label_alt_id 
_pdbx_struct_conn_angle.ptnr2_label_asym_id 
_pdbx_struct_conn_angle.ptnr2_label_comp_id 
_pdbx_struct_conn_angle.ptnr2_label_seq_id 
_pdbx_struct_conn_angle.ptnr2_auth_atom_id 
_pdbx_struct_conn_angle.ptnr2_auth_asym_id 
_pdbx_struct_conn_angle.ptnr2_auth_comp_id 
_pdbx_struct_conn_angle.ptnr2_auth_seq_id 
_pdbx_struct_conn_angle.ptnr2_PDB_ins_code 
_pdbx_struct_conn_angle.ptnr2_symmetry 
_pdbx_struct_conn_angle.ptnr3_label_atom_id 
_pdbx_struct_conn_angle.ptnr3_label_alt_id 
_pdbx_struct_conn_angle.ptnr3_label_asym_id 
_pdbx_struct_conn_angle.ptnr3_label_comp_id 
_pdbx_struct_conn_angle.ptnr3_label_seq_id 
_pdbx_struct_conn_angle.ptnr3_auth_atom_id 
_pdbx_struct_conn_angle.ptnr3_auth_asym_id 
_pdbx_struct_conn_angle.ptnr3_auth_comp_id 
_pdbx_struct_conn_angle.ptnr3_auth_seq_id 
_pdbx_struct_conn_angle.ptnr3_PDB_ins_code 
_pdbx_struct_conn_angle.ptnr3_symmetry 
_pdbx_struct_conn_angle.value 
_pdbx_struct_conn_angle.value_esd 
1  O ? D HOH . ? A HOH 193 ? 1_555 MG ? C MG . ? A MG 25 ? 1_555 O ? D HOH . ? A HOH 196 ? 1_555 89.7  ? 
2  O ? D HOH . ? A HOH 193 ? 1_555 MG ? C MG . ? A MG 25 ? 1_555 O ? E HOH . ? B HOH 194 ? 1_555 176.0 ? 
3  O ? D HOH . ? A HOH 196 ? 1_555 MG ? C MG . ? A MG 25 ? 1_555 O ? E HOH . ? B HOH 194 ? 1_555 90.8  ? 
4  O ? D HOH . ? A HOH 193 ? 1_555 MG ? C MG . ? A MG 25 ? 1_555 O ? E HOH . ? B HOH 195 ? 1_555 90.3  ? 
5  O ? D HOH . ? A HOH 196 ? 1_555 MG ? C MG . ? A MG 25 ? 1_555 O ? E HOH . ? B HOH 195 ? 1_555 174.9 ? 
6  O ? E HOH . ? B HOH 194 ? 1_555 MG ? C MG . ? A MG 25 ? 1_555 O ? E HOH . ? B HOH 195 ? 1_555 89.6  ? 
7  O ? D HOH . ? A HOH 193 ? 1_555 MG ? C MG . ? A MG 25 ? 1_555 O ? E HOH . ? B HOH 197 ? 1_555 92.5  ? 
8  O ? D HOH . ? A HOH 196 ? 1_555 MG ? C MG . ? A MG 25 ? 1_555 O ? E HOH . ? B HOH 197 ? 1_555 87.7  ? 
9  O ? E HOH . ? B HOH 194 ? 1_555 MG ? C MG . ? A MG 25 ? 1_555 O ? E HOH . ? B HOH 197 ? 1_555 91.5  ? 
10 O ? E HOH . ? B HOH 195 ? 1_555 MG ? C MG . ? A MG 25 ? 1_555 O ? E HOH . ? B HOH 197 ? 1_555 87.2  ? 
11 O ? D HOH . ? A HOH 193 ? 1_555 MG ? C MG . ? A MG 25 ? 1_555 O ? E HOH . ? B HOH 198 ? 1_555 86.5  ? 
12 O ? D HOH . ? A HOH 196 ? 1_555 MG ? C MG . ? A MG 25 ? 1_555 O ? E HOH . ? B HOH 198 ? 1_555 93.5  ? 
13 O ? E HOH . ? B HOH 194 ? 1_555 MG ? C MG . ? A MG 25 ? 1_555 O ? E HOH . ? B HOH 198 ? 1_555 89.5  ? 
14 O ? E HOH . ? B HOH 195 ? 1_555 MG ? C MG . ? A MG 25 ? 1_555 O ? E HOH . ? B HOH 198 ? 1_555 91.6  ? 
15 O ? E HOH . ? B HOH 197 ? 1_555 MG ? C MG . ? A MG 25 ? 1_555 O ? E HOH . ? B HOH 198 ? 1_555 178.5 ? 
# 
_struct_site.id                   AC1 
_struct_site.pdbx_evidence_code   Software 
_struct_site.pdbx_auth_asym_id    A 
_struct_site.pdbx_auth_comp_id    MG 
_struct_site.pdbx_auth_seq_id     25 
_struct_site.pdbx_auth_ins_code   ? 
_struct_site.pdbx_num_residues    6 
_struct_site.details              'BINDING SITE FOR RESIDUE MG A 25' 
# 
loop_
_struct_site_gen.id 
_struct_site_gen.site_id 
_struct_site_gen.pdbx_num_res 
_struct_site_gen.label_comp_id 
_struct_site_gen.label_asym_id 
_struct_site_gen.label_seq_id 
_struct_site_gen.pdbx_auth_ins_code 
_struct_site_gen.auth_comp_id 
_struct_site_gen.auth_asym_id 
_struct_site_gen.auth_seq_id 
_struct_site_gen.label_atom_id 
_struct_site_gen.label_alt_id 
_struct_site_gen.symmetry 
_struct_site_gen.details 
1 AC1 6 HOH D . ? HOH A 193 . ? 1_555 ? 
2 AC1 6 HOH D . ? HOH A 196 . ? 1_555 ? 
3 AC1 6 HOH E . ? HOH B 194 . ? 1_555 ? 
4 AC1 6 HOH E . ? HOH B 195 . ? 1_555 ? 
5 AC1 6 HOH E . ? HOH B 197 . ? 1_555 ? 
6 AC1 6 HOH E . ? HOH B 198 . ? 1_555 ? 
# 
loop_
_pdbx_validate_planes.id 
_pdbx_validate_planes.PDB_model_num 
_pdbx_validate_planes.auth_comp_id 
_pdbx_validate_planes.auth_asym_id 
_pdbx_validate_planes.auth_seq_id 
_pdbx_validate_planes.PDB_ins_code 
_pdbx_validate_planes.label_alt_id 
_pdbx_validate_planes.rmsd 
_pdbx_validate_planes.type 
1 1 DC A 9  ? ? 0.059 'SIDE CHAIN' 
2 1 DC A 11 ? ? 0.066 'SIDE CHAIN' 
# 
loop_
_pdbx_struct_mod_residue.id 
_pdbx_struct_mod_residue.label_asym_id 
_pdbx_struct_mod_residue.label_comp_id 
_pdbx_struct_mod_residue.label_seq_id 
_pdbx_struct_mod_residue.auth_asym_id 
_pdbx_struct_mod_residue.auth_comp_id 
_pdbx_struct_mod_residue.auth_seq_id 
_pdbx_struct_mod_residue.PDB_ins_code 
_pdbx_struct_mod_residue.parent_comp_id 
_pdbx_struct_mod_residue.details 
1 A A47 5 A A47 5  ? DA 
;N6-METHOXY ADENOSINE 5'-MONOPHOSPHATE
;
2 B A47 5 B A47 17 ? DA 
;N6-METHOXY ADENOSINE 5'-MONOPHOSPHATE
;
# 
loop_
_chem_comp_atom.comp_id 
_chem_comp_atom.atom_id 
_chem_comp_atom.type_symbol 
_chem_comp_atom.pdbx_aromatic_flag 
_chem_comp_atom.pdbx_stereo_config 
_chem_comp_atom.pdbx_ordinal 
A47 O3P    O  N N 1   
A47 P      P  N N 2   
A47 O1P    O  N N 3   
A47 O2P    O  N N 4   
A47 "O5'"  O  N N 5   
A47 "C5'"  C  N N 6   
A47 "C4'"  C  N R 7   
A47 "O4'"  O  N N 8   
A47 "C3'"  C  N S 9   
A47 "O3'"  O  N N 10  
A47 "C2'"  C  N N 11  
A47 "C1'"  C  N R 12  
A47 N9     N  Y N 13  
A47 C8     C  Y N 14  
A47 N7     N  Y N 15  
A47 C5     C  Y N 16  
A47 C6     C  Y N 17  
A47 N6     N  N N 18  
A47 N1     N  Y N 19  
A47 C2     C  Y N 20  
A47 N3     N  Y N 21  
A47 C4     C  Y N 22  
A47 O1     O  N N 23  
A47 C1     C  N N 24  
A47 H1P    H  N N 25  
A47 H2P    H  N N 26  
A47 "H5'1" H  N N 27  
A47 "H5'2" H  N N 28  
A47 "H4'"  H  N N 29  
A47 "H3'"  H  N N 30  
A47 HA     H  N N 31  
A47 "H2'1" H  N N 32  
A47 "H2'2" H  N N 33  
A47 "H1'"  H  N N 34  
A47 H8     H  N N 35  
A47 H6     H  N N 36  
A47 H2     H  N N 37  
A47 H1C1   H  N N 38  
A47 H1C2   H  N N 39  
A47 H1C3   H  N N 40  
DA  OP3    O  N N 41  
DA  P      P  N N 42  
DA  OP1    O  N N 43  
DA  OP2    O  N N 44  
DA  "O5'"  O  N N 45  
DA  "C5'"  C  N N 46  
DA  "C4'"  C  N R 47  
DA  "O4'"  O  N N 48  
DA  "C3'"  C  N S 49  
DA  "O3'"  O  N N 50  
DA  "C2'"  C  N N 51  
DA  "C1'"  C  N R 52  
DA  N9     N  Y N 53  
DA  C8     C  Y N 54  
DA  N7     N  Y N 55  
DA  C5     C  Y N 56  
DA  C6     C  Y N 57  
DA  N6     N  N N 58  
DA  N1     N  Y N 59  
DA  C2     C  Y N 60  
DA  N3     N  Y N 61  
DA  C4     C  Y N 62  
DA  HOP3   H  N N 63  
DA  HOP2   H  N N 64  
DA  "H5'"  H  N N 65  
DA  "H5''" H  N N 66  
DA  "H4'"  H  N N 67  
DA  "H3'"  H  N N 68  
DA  "HO3'" H  N N 69  
DA  "H2'"  H  N N 70  
DA  "H2''" H  N N 71  
DA  "H1'"  H  N N 72  
DA  H8     H  N N 73  
DA  H61    H  N N 74  
DA  H62    H  N N 75  
DA  H2     H  N N 76  
DC  OP3    O  N N 77  
DC  P      P  N N 78  
DC  OP1    O  N N 79  
DC  OP2    O  N N 80  
DC  "O5'"  O  N N 81  
DC  "C5'"  C  N N 82  
DC  "C4'"  C  N R 83  
DC  "O4'"  O  N N 84  
DC  "C3'"  C  N S 85  
DC  "O3'"  O  N N 86  
DC  "C2'"  C  N N 87  
DC  "C1'"  C  N R 88  
DC  N1     N  N N 89  
DC  C2     C  N N 90  
DC  O2     O  N N 91  
DC  N3     N  N N 92  
DC  C4     C  N N 93  
DC  N4     N  N N 94  
DC  C5     C  N N 95  
DC  C6     C  N N 96  
DC  HOP3   H  N N 97  
DC  HOP2   H  N N 98  
DC  "H5'"  H  N N 99  
DC  "H5''" H  N N 100 
DC  "H4'"  H  N N 101 
DC  "H3'"  H  N N 102 
DC  "HO3'" H  N N 103 
DC  "H2'"  H  N N 104 
DC  "H2''" H  N N 105 
DC  "H1'"  H  N N 106 
DC  H41    H  N N 107 
DC  H42    H  N N 108 
DC  H5     H  N N 109 
DC  H6     H  N N 110 
DG  OP3    O  N N 111 
DG  P      P  N N 112 
DG  OP1    O  N N 113 
DG  OP2    O  N N 114 
DG  "O5'"  O  N N 115 
DG  "C5'"  C  N N 116 
DG  "C4'"  C  N R 117 
DG  "O4'"  O  N N 118 
DG  "C3'"  C  N S 119 
DG  "O3'"  O  N N 120 
DG  "C2'"  C  N N 121 
DG  "C1'"  C  N R 122 
DG  N9     N  Y N 123 
DG  C8     C  Y N 124 
DG  N7     N  Y N 125 
DG  C5     C  Y N 126 
DG  C6     C  N N 127 
DG  O6     O  N N 128 
DG  N1     N  N N 129 
DG  C2     C  N N 130 
DG  N2     N  N N 131 
DG  N3     N  N N 132 
DG  C4     C  Y N 133 
DG  HOP3   H  N N 134 
DG  HOP2   H  N N 135 
DG  "H5'"  H  N N 136 
DG  "H5''" H  N N 137 
DG  "H4'"  H  N N 138 
DG  "H3'"  H  N N 139 
DG  "HO3'" H  N N 140 
DG  "H2'"  H  N N 141 
DG  "H2''" H  N N 142 
DG  "H1'"  H  N N 143 
DG  H8     H  N N 144 
DG  H1     H  N N 145 
DG  H21    H  N N 146 
DG  H22    H  N N 147 
DT  OP3    O  N N 148 
DT  P      P  N N 149 
DT  OP1    O  N N 150 
DT  OP2    O  N N 151 
DT  "O5'"  O  N N 152 
DT  "C5'"  C  N N 153 
DT  "C4'"  C  N R 154 
DT  "O4'"  O  N N 155 
DT  "C3'"  C  N S 156 
DT  "O3'"  O  N N 157 
DT  "C2'"  C  N N 158 
DT  "C1'"  C  N R 159 
DT  N1     N  N N 160 
DT  C2     C  N N 161 
DT  O2     O  N N 162 
DT  N3     N  N N 163 
DT  C4     C  N N 164 
DT  O4     O  N N 165 
DT  C5     C  N N 166 
DT  C7     C  N N 167 
DT  C6     C  N N 168 
DT  HOP3   H  N N 169 
DT  HOP2   H  N N 170 
DT  "H5'"  H  N N 171 
DT  "H5''" H  N N 172 
DT  "H4'"  H  N N 173 
DT  "H3'"  H  N N 174 
DT  "HO3'" H  N N 175 
DT  "H2'"  H  N N 176 
DT  "H2''" H  N N 177 
DT  "H1'"  H  N N 178 
DT  H3     H  N N 179 
DT  H71    H  N N 180 
DT  H72    H  N N 181 
DT  H73    H  N N 182 
DT  H6     H  N N 183 
HOH O      O  N N 184 
HOH H1     H  N N 185 
HOH H2     H  N N 186 
MG  MG     MG N N 187 
# 
loop_
_chem_comp_bond.comp_id 
_chem_comp_bond.atom_id_1 
_chem_comp_bond.atom_id_2 
_chem_comp_bond.value_order 
_chem_comp_bond.pdbx_aromatic_flag 
_chem_comp_bond.pdbx_stereo_config 
_chem_comp_bond.pdbx_ordinal 
A47 O3P   P      doub N N 1   
A47 P     O1P    sing N N 2   
A47 P     O2P    sing N N 3   
A47 P     "O5'"  sing N N 4   
A47 O1P   H1P    sing N N 5   
A47 O2P   H2P    sing N N 6   
A47 "O5'" "C5'"  sing N N 7   
A47 "C5'" "C4'"  sing N N 8   
A47 "C5'" "H5'1" sing N N 9   
A47 "C5'" "H5'2" sing N N 10  
A47 "C4'" "O4'"  sing N N 11  
A47 "C4'" "C3'"  sing N N 12  
A47 "C4'" "H4'"  sing N N 13  
A47 "O4'" "C1'"  sing N N 14  
A47 "C3'" "O3'"  sing N N 15  
A47 "C3'" "C2'"  sing N N 16  
A47 "C3'" "H3'"  sing N N 17  
A47 "O3'" HA     sing N N 18  
A47 "C2'" "C1'"  sing N N 19  
A47 "C2'" "H2'1" sing N N 20  
A47 "C2'" "H2'2" sing N N 21  
A47 "C1'" N9     sing N N 22  
A47 "C1'" "H1'"  sing N N 23  
A47 N9    C8     sing Y N 24  
A47 N9    C4     sing Y N 25  
A47 C8    N7     doub Y N 26  
A47 C8    H8     sing N N 27  
A47 N7    C5     sing Y N 28  
A47 C5    C6     doub Y N 29  
A47 C5    C4     sing Y N 30  
A47 C6    N6     sing N N 31  
A47 C6    N1     sing Y N 32  
A47 N6    O1     sing N N 33  
A47 N6    H6     sing N N 34  
A47 N1    C2     doub Y N 35  
A47 C2    N3     sing Y N 36  
A47 C2    H2     sing N N 37  
A47 N3    C4     doub Y N 38  
A47 O1    C1     sing N N 39  
A47 C1    H1C1   sing N N 40  
A47 C1    H1C2   sing N N 41  
A47 C1    H1C3   sing N N 42  
DA  OP3   P      sing N N 43  
DA  OP3   HOP3   sing N N 44  
DA  P     OP1    doub N N 45  
DA  P     OP2    sing N N 46  
DA  P     "O5'"  sing N N 47  
DA  OP2   HOP2   sing N N 48  
DA  "O5'" "C5'"  sing N N 49  
DA  "C5'" "C4'"  sing N N 50  
DA  "C5'" "H5'"  sing N N 51  
DA  "C5'" "H5''" sing N N 52  
DA  "C4'" "O4'"  sing N N 53  
DA  "C4'" "C3'"  sing N N 54  
DA  "C4'" "H4'"  sing N N 55  
DA  "O4'" "C1'"  sing N N 56  
DA  "C3'" "O3'"  sing N N 57  
DA  "C3'" "C2'"  sing N N 58  
DA  "C3'" "H3'"  sing N N 59  
DA  "O3'" "HO3'" sing N N 60  
DA  "C2'" "C1'"  sing N N 61  
DA  "C2'" "H2'"  sing N N 62  
DA  "C2'" "H2''" sing N N 63  
DA  "C1'" N9     sing N N 64  
DA  "C1'" "H1'"  sing N N 65  
DA  N9    C8     sing Y N 66  
DA  N9    C4     sing Y N 67  
DA  C8    N7     doub Y N 68  
DA  C8    H8     sing N N 69  
DA  N7    C5     sing Y N 70  
DA  C5    C6     sing Y N 71  
DA  C5    C4     doub Y N 72  
DA  C6    N6     sing N N 73  
DA  C6    N1     doub Y N 74  
DA  N6    H61    sing N N 75  
DA  N6    H62    sing N N 76  
DA  N1    C2     sing Y N 77  
DA  C2    N3     doub Y N 78  
DA  C2    H2     sing N N 79  
DA  N3    C4     sing Y N 80  
DC  OP3   P      sing N N 81  
DC  OP3   HOP3   sing N N 82  
DC  P     OP1    doub N N 83  
DC  P     OP2    sing N N 84  
DC  P     "O5'"  sing N N 85  
DC  OP2   HOP2   sing N N 86  
DC  "O5'" "C5'"  sing N N 87  
DC  "C5'" "C4'"  sing N N 88  
DC  "C5'" "H5'"  sing N N 89  
DC  "C5'" "H5''" sing N N 90  
DC  "C4'" "O4'"  sing N N 91  
DC  "C4'" "C3'"  sing N N 92  
DC  "C4'" "H4'"  sing N N 93  
DC  "O4'" "C1'"  sing N N 94  
DC  "C3'" "O3'"  sing N N 95  
DC  "C3'" "C2'"  sing N N 96  
DC  "C3'" "H3'"  sing N N 97  
DC  "O3'" "HO3'" sing N N 98  
DC  "C2'" "C1'"  sing N N 99  
DC  "C2'" "H2'"  sing N N 100 
DC  "C2'" "H2''" sing N N 101 
DC  "C1'" N1     sing N N 102 
DC  "C1'" "H1'"  sing N N 103 
DC  N1    C2     sing N N 104 
DC  N1    C6     sing N N 105 
DC  C2    O2     doub N N 106 
DC  C2    N3     sing N N 107 
DC  N3    C4     doub N N 108 
DC  C4    N4     sing N N 109 
DC  C4    C5     sing N N 110 
DC  N4    H41    sing N N 111 
DC  N4    H42    sing N N 112 
DC  C5    C6     doub N N 113 
DC  C5    H5     sing N N 114 
DC  C6    H6     sing N N 115 
DG  OP3   P      sing N N 116 
DG  OP3   HOP3   sing N N 117 
DG  P     OP1    doub N N 118 
DG  P     OP2    sing N N 119 
DG  P     "O5'"  sing N N 120 
DG  OP2   HOP2   sing N N 121 
DG  "O5'" "C5'"  sing N N 122 
DG  "C5'" "C4'"  sing N N 123 
DG  "C5'" "H5'"  sing N N 124 
DG  "C5'" "H5''" sing N N 125 
DG  "C4'" "O4'"  sing N N 126 
DG  "C4'" "C3'"  sing N N 127 
DG  "C4'" "H4'"  sing N N 128 
DG  "O4'" "C1'"  sing N N 129 
DG  "C3'" "O3'"  sing N N 130 
DG  "C3'" "C2'"  sing N N 131 
DG  "C3'" "H3'"  sing N N 132 
DG  "O3'" "HO3'" sing N N 133 
DG  "C2'" "C1'"  sing N N 134 
DG  "C2'" "H2'"  sing N N 135 
DG  "C2'" "H2''" sing N N 136 
DG  "C1'" N9     sing N N 137 
DG  "C1'" "H1'"  sing N N 138 
DG  N9    C8     sing Y N 139 
DG  N9    C4     sing Y N 140 
DG  C8    N7     doub Y N 141 
DG  C8    H8     sing N N 142 
DG  N7    C5     sing Y N 143 
DG  C5    C6     sing N N 144 
DG  C5    C4     doub Y N 145 
DG  C6    O6     doub N N 146 
DG  C6    N1     sing N N 147 
DG  N1    C2     sing N N 148 
DG  N1    H1     sing N N 149 
DG  C2    N2     sing N N 150 
DG  C2    N3     doub N N 151 
DG  N2    H21    sing N N 152 
DG  N2    H22    sing N N 153 
DG  N3    C4     sing N N 154 
DT  OP3   P      sing N N 155 
DT  OP3   HOP3   sing N N 156 
DT  P     OP1    doub N N 157 
DT  P     OP2    sing N N 158 
DT  P     "O5'"  sing N N 159 
DT  OP2   HOP2   sing N N 160 
DT  "O5'" "C5'"  sing N N 161 
DT  "C5'" "C4'"  sing N N 162 
DT  "C5'" "H5'"  sing N N 163 
DT  "C5'" "H5''" sing N N 164 
DT  "C4'" "O4'"  sing N N 165 
DT  "C4'" "C3'"  sing N N 166 
DT  "C4'" "H4'"  sing N N 167 
DT  "O4'" "C1'"  sing N N 168 
DT  "C3'" "O3'"  sing N N 169 
DT  "C3'" "C2'"  sing N N 170 
DT  "C3'" "H3'"  sing N N 171 
DT  "O3'" "HO3'" sing N N 172 
DT  "C2'" "C1'"  sing N N 173 
DT  "C2'" "H2'"  sing N N 174 
DT  "C2'" "H2''" sing N N 175 
DT  "C1'" N1     sing N N 176 
DT  "C1'" "H1'"  sing N N 177 
DT  N1    C2     sing N N 178 
DT  N1    C6     sing N N 179 
DT  C2    O2     doub N N 180 
DT  C2    N3     sing N N 181 
DT  N3    C4     sing N N 182 
DT  N3    H3     sing N N 183 
DT  C4    O4     doub N N 184 
DT  C4    C5     sing N N 185 
DT  C5    C7     sing N N 186 
DT  C5    C6     doub N N 187 
DT  C7    H71    sing N N 188 
DT  C7    H72    sing N N 189 
DT  C7    H73    sing N N 190 
DT  C6    H6     sing N N 191 
HOH O     H1     sing N N 192 
HOH O     H2     sing N N 193 
# 
loop_
_ndb_struct_conf_na.entry_id 
_ndb_struct_conf_na.feature 
456D 'double helix'         
456D 'b-form double helix'  
456D 'mismatched base pair' 
# 
loop_
_ndb_struct_na_base_pair.model_number 
_ndb_struct_na_base_pair.i_label_asym_id 
_ndb_struct_na_base_pair.i_label_comp_id 
_ndb_struct_na_base_pair.i_label_seq_id 
_ndb_struct_na_base_pair.i_symmetry 
_ndb_struct_na_base_pair.j_label_asym_id 
_ndb_struct_na_base_pair.j_label_comp_id 
_ndb_struct_na_base_pair.j_label_seq_id 
_ndb_struct_na_base_pair.j_symmetry 
_ndb_struct_na_base_pair.shear 
_ndb_struct_na_base_pair.stretch 
_ndb_struct_na_base_pair.stagger 
_ndb_struct_na_base_pair.buckle 
_ndb_struct_na_base_pair.propeller 
_ndb_struct_na_base_pair.opening 
_ndb_struct_na_base_pair.pair_number 
_ndb_struct_na_base_pair.pair_name 
_ndb_struct_na_base_pair.i_auth_asym_id 
_ndb_struct_na_base_pair.i_auth_seq_id 
_ndb_struct_na_base_pair.i_PDB_ins_code 
_ndb_struct_na_base_pair.j_auth_asym_id 
_ndb_struct_na_base_pair.j_auth_seq_id 
_ndb_struct_na_base_pair.j_PDB_ins_code 
_ndb_struct_na_base_pair.hbond_type_28 
_ndb_struct_na_base_pair.hbond_type_12 
1 A DC  1  1_555 B DG 12 1_555 0.334  -0.259 0.112  7.777   -18.088 -0.660 1  A_DC1:DG24_B  A 1  ? B 24 ? 19 1 
1 A DG  2  1_555 B DC 11 1_555 -0.277 -0.320 0.422  6.266   -11.543 -2.763 2  A_DG2:DC23_B  A 2  ? B 23 ? 19 1 
1 A DC  3  1_555 B DG 10 1_555 0.277  -0.187 0.333  -6.598  -1.543  -0.457 3  A_DC3:DG22_B  A 3  ? B 22 ? 19 1 
1 A DG  4  1_555 B DC 9  1_555 -0.118 -0.091 -0.168 10.152  -5.886  1.742  4  A_DG4:DC21_B  A 4  ? B 21 ? 19 1 
1 A A47 5  1_555 B DC 8  1_555 -0.378 -0.189 0.039  6.647   -12.828 2.847  5  A_A475:DC20_B A 5  ? B 20 ? ?  1 
1 A DA  6  1_555 B DT 7  1_555 0.170  -0.123 0.053  0.245   -12.094 5.951  6  A_DA6:DT19_B  A 6  ? B 19 ? 20 1 
1 A DT  7  1_555 B DA 6  1_555 0.152  -0.182 0.072  -0.813  -16.277 3.368  7  A_DT7:DA18_B  A 7  ? B 18 ? 20 1 
1 A DC  9  1_555 B DG 4  1_555 0.139  -0.119 0.039  -11.515 -11.316 -0.347 8  A_DC9:DG16_B  A 9  ? B 16 ? 19 1 
1 A DG  10 1_555 B DC 3  1_555 -0.136 -0.130 0.326  5.672   -10.004 2.432  9  A_DG10:DC15_B A 10 ? B 15 ? 19 1 
1 A DC  11 1_555 B DG 2  1_555 0.230  -0.200 0.249  3.809   -12.894 -3.446 10 A_DC11:DG14_B A 11 ? B 14 ? 19 1 
1 A DG  12 1_555 B DC 1  1_555 0.130  -0.261 0.615  6.149   -8.123  -3.894 11 A_DG12:DC13_B A 12 ? B 13 ? 19 1 
# 
loop_
_ndb_struct_na_base_pair_step.model_number 
_ndb_struct_na_base_pair_step.i_label_asym_id_1 
_ndb_struct_na_base_pair_step.i_label_comp_id_1 
_ndb_struct_na_base_pair_step.i_label_seq_id_1 
_ndb_struct_na_base_pair_step.i_symmetry_1 
_ndb_struct_na_base_pair_step.j_label_asym_id_1 
_ndb_struct_na_base_pair_step.j_label_comp_id_1 
_ndb_struct_na_base_pair_step.j_label_seq_id_1 
_ndb_struct_na_base_pair_step.j_symmetry_1 
_ndb_struct_na_base_pair_step.i_label_asym_id_2 
_ndb_struct_na_base_pair_step.i_label_comp_id_2 
_ndb_struct_na_base_pair_step.i_label_seq_id_2 
_ndb_struct_na_base_pair_step.i_symmetry_2 
_ndb_struct_na_base_pair_step.j_label_asym_id_2 
_ndb_struct_na_base_pair_step.j_label_comp_id_2 
_ndb_struct_na_base_pair_step.j_label_seq_id_2 
_ndb_struct_na_base_pair_step.j_symmetry_2 
_ndb_struct_na_base_pair_step.shift 
_ndb_struct_na_base_pair_step.slide 
_ndb_struct_na_base_pair_step.rise 
_ndb_struct_na_base_pair_step.tilt 
_ndb_struct_na_base_pair_step.roll 
_ndb_struct_na_base_pair_step.twist 
_ndb_struct_na_base_pair_step.x_displacement 
_ndb_struct_na_base_pair_step.y_displacement 
_ndb_struct_na_base_pair_step.helical_rise 
_ndb_struct_na_base_pair_step.inclination 
_ndb_struct_na_base_pair_step.tip 
_ndb_struct_na_base_pair_step.helical_twist 
_ndb_struct_na_base_pair_step.step_number 
_ndb_struct_na_base_pair_step.step_name 
_ndb_struct_na_base_pair_step.i_auth_asym_id_1 
_ndb_struct_na_base_pair_step.i_auth_seq_id_1 
_ndb_struct_na_base_pair_step.i_PDB_ins_code_1 
_ndb_struct_na_base_pair_step.j_auth_asym_id_1 
_ndb_struct_na_base_pair_step.j_auth_seq_id_1 
_ndb_struct_na_base_pair_step.j_PDB_ins_code_1 
_ndb_struct_na_base_pair_step.i_auth_asym_id_2 
_ndb_struct_na_base_pair_step.i_auth_seq_id_2 
_ndb_struct_na_base_pair_step.i_PDB_ins_code_2 
_ndb_struct_na_base_pair_step.j_auth_asym_id_2 
_ndb_struct_na_base_pair_step.j_auth_seq_id_2 
_ndb_struct_na_base_pair_step.j_PDB_ins_code_2 
1 A DC  1  1_555 B DG 12 1_555 A DG  2  1_555 B DC 11 1_555 -0.091 0.034  3.355 -1.703 5.802   34.691 -0.832 -0.109 3.318 9.640   
2.829   35.198 1  AA_DC1DG2:DC23DG24_BB   A 1  ? B 24 ? A 2  ? B 23 ? 
1 A DG  2  1_555 B DC 11 1_555 A DC  3  1_555 B DG 10 1_555 0.591  0.338  3.649 1.146  -4.934  41.939 1.032  -0.690 3.603 -6.863  
-1.594  42.230 2  AA_DG2DC3:DG22DC23_BB   A 2  ? B 23 ? A 3  ? B 22 ? 
1 A DC  3  1_555 B DG 10 1_555 A DG  4  1_555 B DC 9  1_555 -0.126 0.458  3.038 4.609  10.213  24.723 -1.488 1.381  2.924 22.438  
-10.126 27.108 3  AA_DC3DG4:DC21DG22_BB   A 3  ? B 22 ? A 4  ? B 21 ? 
1 A DG  4  1_555 B DC 9  1_555 A A47 5  1_555 B DC 8  1_555 -0.386 -0.181 3.304 -3.289 1.750   36.363 -0.534 0.156  3.313 2.795   
5.253   36.547 4  AA_DG4A475:DC20DC21_BB  A 4  ? B 21 ? A 5  ? B 20 ? 
1 A A47 5  1_555 B DC 8  1_555 A DA  6  1_555 B DT 7  1_555 0.160  -0.370 3.374 -0.004 0.691   40.436 -0.616 -0.232 3.367 0.999   
0.006   40.442 5  AA_A475DA6:DT19DC20_BB  A 5  ? B 20 ? A 6  ? B 19 ? 
1 A DA  6  1_555 B DT 7  1_555 A DT  7  1_555 B DA 6  1_555 -0.182 -0.714 3.208 -0.404 -2.478  30.772 -0.865 0.265  3.257 -4.659  
0.760   30.871 6  AA_DA6DT7:DA18DT19_BB   A 6  ? B 19 ? A 7  ? B 18 ? 
1 A DT  7  1_555 B DA 6  1_555 A DC  9  1_555 B DG 4  1_555 -0.181 -0.574 6.682 2.496  -3.419  76.533 -0.259 0.294  6.692 -2.759  
-2.014  76.632 7  AA_DT7DC9:DG16DA18_BB   A 7  ? B 18 ? A 9  ? B 16 ? 
1 A DC  9  1_555 B DG 4  1_555 A DG  10 1_555 B DC 3  1_555 0.554  0.664  3.047 -3.094 4.511   25.546 0.316  -2.018 3.030 10.054  
6.896   26.116 8  AA_DC9DG10:DC15DG16_BB  A 9  ? B 16 ? A 10 ? B 15 ? 
1 A DG  10 1_555 B DC 3  1_555 A DC  11 1_555 B DG 2  1_555 -1.306 0.532  3.469 -4.542 -11.938 43.376 1.829  1.270  3.332 -15.749 
5.992   45.131 9  AA_DG10DC11:DG14DC15_BB A 10 ? B 15 ? A 11 ? B 14 ? 
1 A DC  11 1_555 B DG 2  1_555 A DG  12 1_555 B DC 1  1_555 0.171  0.300  3.152 0.424  4.605   34.144 -0.187 -0.224 3.166 7.798   
-0.718  34.446 10 AA_DC11DG12:DC13DG14_BB A 11 ? B 14 ? A 12 ? B 13 ? 
# 
_atom_sites.entry_id                    456D 
_atom_sites.fract_transf_matrix[1][1]   -0.02792269 
_atom_sites.fract_transf_matrix[1][2]   -0.02553260 
_atom_sites.fract_transf_matrix[1][3]   -0.01247858 
_atom_sites.fract_transf_matrix[2][1]   0.00148501 
_atom_sites.fract_transf_matrix[2][2]   0.00965613 
_atom_sites.fract_transf_matrix[2][3]   -0.02308047 
_atom_sites.fract_transf_matrix[3][1]   0.01080335 
_atom_sites.fract_transf_matrix[3][2]   -0.01009105 
_atom_sites.fract_transf_matrix[3][3]   -0.00352668 
_atom_sites.fract_transf_vector[1]      0.430043 
_atom_sites.fract_transf_vector[2]      0.019106 
_atom_sites.fract_transf_vector[3]      0.366037 
# 
loop_
_atom_type.symbol 
C  
MG 
N  
O  
P  
# 
loop_
_atom_site.group_PDB 
_atom_site.id 
_atom_site.type_symbol 
_atom_site.label_atom_id 
_atom_site.label_alt_id 
_atom_site.label_comp_id 
_atom_site.label_asym_id 
_atom_site.label_entity_id 
_atom_site.label_seq_id 
_atom_site.pdbx_PDB_ins_code 
_atom_site.Cartn_x 
_atom_site.Cartn_y 
_atom_site.Cartn_z 
_atom_site.occupancy 
_atom_site.B_iso_or_equiv 
_atom_site.pdbx_formal_charge 
_atom_site.auth_seq_id 
_atom_site.auth_comp_id 
_atom_site.auth_asym_id 
_atom_site.auth_atom_id 
_atom_site.pdbx_PDB_model_num 
ATOM   1   O  "O5'" . DC  A 1 1  ? -5.519  19.070  -7.465  1.00 19.97 ? 1   DC  A "O5'" 1 
ATOM   2   C  "C5'" . DC  A 1 1  ? -6.320  18.348  -6.539  1.00 16.96 ? 1   DC  A "C5'" 1 
ATOM   3   C  "C4'" . DC  A 1 1  ? -5.772  18.498  -5.141  1.00 18.43 ? 1   DC  A "C4'" 1 
ATOM   4   O  "O4'" . DC  A 1 1  ? -6.777  18.030  -4.215  1.00 17.79 ? 1   DC  A "O4'" 1 
ATOM   5   C  "C3'" . DC  A 1 1  ? -4.500  17.709  -4.810  1.00 20.00 ? 1   DC  A "C3'" 1 
ATOM   6   O  "O3'" . DC  A 1 1  ? -3.693  18.466  -3.889  1.00 23.49 ? 1   DC  A "O3'" 1 
ATOM   7   C  "C2'" . DC  A 1 1  ? -5.040  16.459  -4.139  1.00 18.26 ? 1   DC  A "C2'" 1 
ATOM   8   C  "C1'" . DC  A 1 1  ? -6.234  17.016  -3.382  1.00 16.20 ? 1   DC  A "C1'" 1 
ATOM   9   N  N1    . DC  A 1 1  ? -7.332  16.083  -3.082  1.00 14.55 ? 1   DC  A N1    1 
ATOM   10  C  C2    . DC  A 1 1  ? -7.895  16.113  -1.779  1.00 12.17 ? 1   DC  A C2    1 
ATOM   11  O  O2    . DC  A 1 1  ? -7.387  16.867  -0.936  1.00 17.36 ? 1   DC  A O2    1 
ATOM   12  N  N3    . DC  A 1 1  ? -8.948  15.333  -1.499  1.00 10.46 ? 1   DC  A N3    1 
ATOM   13  C  C4    . DC  A 1 1  ? -9.446  14.523  -2.437  1.00 10.79 ? 1   DC  A C4    1 
ATOM   14  N  N4    . DC  A 1 1  ? -10.493 13.767  -2.112  1.00 10.15 ? 1   DC  A N4    1 
ATOM   15  C  C5    . DC  A 1 1  ? -8.884  14.447  -3.761  1.00 11.42 ? 1   DC  A C5    1 
ATOM   16  C  C6    . DC  A 1 1  ? -7.837  15.234  -4.031  1.00 11.44 ? 1   DC  A C6    1 
ATOM   17  P  P     . DG  A 1 2  ? -2.140  18.068  -3.641  1.00 28.23 ? 2   DG  A P     1 
ATOM   18  O  OP1   . DG  A 1 2  ? -1.411  19.349  -3.461  1.00 28.94 ? 2   DG  A OP1   1 
ATOM   19  O  OP2   . DG  A 1 2  ? -1.680  17.096  -4.660  1.00 25.59 ? 2   DG  A OP2   1 
ATOM   20  O  "O5'" . DG  A 1 2  ? -2.180  17.346  -2.220  1.00 26.68 ? 2   DG  A "O5'" 1 
ATOM   21  C  "C5'" . DG  A 1 2  ? -2.494  18.098  -1.049  1.00 22.72 ? 2   DG  A "C5'" 1 
ATOM   22  C  "C4'" . DG  A 1 2  ? -2.374  17.225  0.177   1.00 21.79 ? 2   DG  A "C4'" 1 
ATOM   23  O  "O4'" . DG  A 1 2  ? -3.556  16.412  0.358   1.00 20.70 ? 2   DG  A "O4'" 1 
ATOM   24  C  "C3'" . DG  A 1 2  ? -1.176  16.273  0.186   1.00 18.34 ? 2   DG  A "C3'" 1 
ATOM   25  O  "O3'" . DG  A 1 2  ? -0.575  16.381  1.474   1.00 21.80 ? 2   DG  A "O3'" 1 
ATOM   26  C  "C2'" . DG  A 1 2  ? -1.798  14.911  -0.076  1.00 18.28 ? 2   DG  A "C2'" 1 
ATOM   27  C  "C1'" . DG  A 1 2  ? -3.202  15.051  0.506   1.00 15.13 ? 2   DG  A "C1'" 1 
ATOM   28  N  N9    . DG  A 1 2  ? -4.254  14.269  -0.125  1.00 12.58 ? 2   DG  A N9    1 
ATOM   29  C  C8    . DG  A 1 2  ? -4.375  13.894  -1.441  1.00 9.97  ? 2   DG  A C8    1 
ATOM   30  N  N7    . DG  A 1 2  ? -5.453  13.195  -1.678  1.00 11.90 ? 2   DG  A N7    1 
ATOM   31  C  C5    . DG  A 1 2  ? -6.076  13.110  -0.439  1.00 10.26 ? 2   DG  A C5    1 
ATOM   32  C  C6    . DG  A 1 2  ? -7.272  12.479  -0.063  1.00 8.36  ? 2   DG  A C6    1 
ATOM   33  O  O6    . DG  A 1 2  ? -8.070  11.852  -0.759  1.00 11.00 ? 2   DG  A O6    1 
ATOM   34  N  N1    . DG  A 1 2  ? -7.524  12.633  1.286   1.00 9.69  ? 2   DG  A N1    1 
ATOM   35  C  C2    . DG  A 1 2  ? -6.741  13.318  2.164   1.00 10.00 ? 2   DG  A C2    1 
ATOM   36  N  N2    . DG  A 1 2  ? -7.181  13.360  3.445   1.00 12.46 ? 2   DG  A N2    1 
ATOM   37  N  N3    . DG  A 1 2  ? -5.613  13.926  1.827   1.00 13.59 ? 2   DG  A N3    1 
ATOM   38  C  C4    . DG  A 1 2  ? -5.345  13.772  0.517   1.00 11.84 ? 2   DG  A C4    1 
ATOM   39  P  P     . DC  A 1 3  ? 0.825   15.678  1.788   1.00 19.77 ? 3   DC  A P     1 
ATOM   40  O  OP1   . DC  A 1 3  ? 1.676   16.718  2.359   1.00 21.33 ? 3   DC  A OP1   1 
ATOM   41  O  OP2   . DC  A 1 3  ? 1.317   14.915  0.620   1.00 22.11 ? 3   DC  A OP2   1 
ATOM   42  O  "O5'" . DC  A 1 3  ? 0.382   14.668  2.932   1.00 20.52 ? 3   DC  A "O5'" 1 
ATOM   43  C  "C5'" . DC  A 1 3  ? -0.314  15.154  4.083   1.00 20.31 ? 3   DC  A "C5'" 1 
ATOM   44  C  "C4'" . DC  A 1 3  ? -1.182  14.070  4.677   1.00 18.71 ? 3   DC  A "C4'" 1 
ATOM   45  O  "O4'" . DC  A 1 3  ? -2.223  13.719  3.750   1.00 17.94 ? 3   DC  A "O4'" 1 
ATOM   46  C  "C3'" . DC  A 1 3  ? -0.457  12.763  4.980   1.00 19.63 ? 3   DC  A "C3'" 1 
ATOM   47  O  "O3'" . DC  A 1 3  ? -0.004  12.751  6.341   1.00 24.48 ? 3   DC  A "O3'" 1 
ATOM   48  C  "C2'" . DC  A 1 3  ? -1.522  11.702  4.770   1.00 20.53 ? 3   DC  A "C2'" 1 
ATOM   49  C  "C1'" . DC  A 1 3  ? -2.652  12.389  4.001   1.00 18.74 ? 3   DC  A "C1'" 1 
ATOM   50  N  N1    . DC  A 1 3  ? -2.961  11.760  2.700   1.00 18.18 ? 3   DC  A N1    1 
ATOM   51  C  C2    . DC  A 1 3  ? -4.088  10.946  2.596   1.00 15.44 ? 3   DC  A C2    1 
ATOM   52  O  O2    . DC  A 1 3  ? -4.751  10.700  3.613   1.00 13.08 ? 3   DC  A O2    1 
ATOM   53  N  N3    . DC  A 1 3  ? -4.428  10.442  1.381   1.00 15.05 ? 3   DC  A N3    1 
ATOM   54  C  C4    . DC  A 1 3  ? -3.672  10.706  0.309   1.00 13.00 ? 3   DC  A C4    1 
ATOM   55  N  N4    . DC  A 1 3  ? -4.068  10.210  -0.860  1.00 13.66 ? 3   DC  A N4    1 
ATOM   56  C  C5    . DC  A 1 3  ? -2.487  11.488  0.398   1.00 14.61 ? 3   DC  A C5    1 
ATOM   57  C  C6    . DC  A 1 3  ? -2.169  11.992  1.601   1.00 17.11 ? 3   DC  A C6    1 
ATOM   58  P  P     . DG  A 1 4  ? 1.129   11.679  6.801   1.00 25.55 ? 4   DG  A P     1 
ATOM   59  O  OP1   . DG  A 1 4  ? 1.799   12.213  7.998   1.00 27.88 ? 4   DG  A OP1   1 
ATOM   60  O  OP2   . DG  A 1 4  ? 1.941   11.273  5.613   1.00 25.27 ? 4   DG  A OP2   1 
ATOM   61  O  "O5'" . DG  A 1 4  ? 0.291   10.414  7.261   1.00 24.89 ? 4   DG  A "O5'" 1 
ATOM   62  C  "C5'" . DG  A 1 4  ? -0.716  10.535  8.243   1.00 22.15 ? 4   DG  A "C5'" 1 
ATOM   63  C  "C4'" . DG  A 1 4  ? -1.538  9.270   8.282   1.00 21.31 ? 4   DG  A "C4'" 1 
ATOM   64  O  "O4'" . DG  A 1 4  ? -2.214  9.097   7.023   1.00 20.26 ? 4   DG  A "O4'" 1 
ATOM   65  C  "C3'" . DG  A 1 4  ? -0.788  7.960   8.529   1.00 21.27 ? 4   DG  A "C3'" 1 
ATOM   66  O  "O3'" . DG  A 1 4  ? -1.678  7.132   9.284   1.00 24.17 ? 4   DG  A "O3'" 1 
ATOM   67  C  "C2'" . DG  A 1 4  ? -0.634  7.389   7.132   1.00 20.70 ? 4   DG  A "C2'" 1 
ATOM   68  C  "C1'" . DG  A 1 4  ? -1.948  7.812   6.496   1.00 18.41 ? 4   DG  A "C1'" 1 
ATOM   69  N  N9    . DG  A 1 4  ? -1.916  7.928   5.036   1.00 17.33 ? 4   DG  A N9    1 
ATOM   70  C  C8    . DG  A 1 4  ? -0.903  8.447   4.270   1.00 15.23 ? 4   DG  A C8    1 
ATOM   71  N  N7    . DG  A 1 4  ? -1.148  8.381   2.991   1.00 15.43 ? 4   DG  A N7    1 
ATOM   72  C  C5    . DG  A 1 4  ? -2.405  7.795   2.908   1.00 14.92 ? 4   DG  A C5    1 
ATOM   73  C  C6    . DG  A 1 4  ? -3.199  7.473   1.772   1.00 15.15 ? 4   DG  A C6    1 
ATOM   74  O  O6    . DG  A 1 4  ? -2.942  7.638   0.578   1.00 17.09 ? 4   DG  A O6    1 
ATOM   75  N  N1    . DG  A 1 4  ? -4.404  6.898   2.138   1.00 15.22 ? 4   DG  A N1    1 
ATOM   76  C  C2    . DG  A 1 4  ? -4.799  6.663   3.434   1.00 14.48 ? 4   DG  A C2    1 
ATOM   77  N  N2    . DG  A 1 4  ? -5.997  6.099   3.577   1.00 14.40 ? 4   DG  A N2    1 
ATOM   78  N  N3    . DG  A 1 4  ? -4.077  6.959   4.500   1.00 14.20 ? 4   DG  A N3    1 
ATOM   79  C  C4    . DG  A 1 4  ? -2.896  7.516   4.164   1.00 14.96 ? 4   DG  A C4    1 
HETATM 80  P  P     . A47 A 1 5  ? -1.174  5.741   9.920   1.00 22.80 ? 5   A47 A P     1 
HETATM 81  O  O1P   . A47 A 1 5  ? -1.268  5.956   11.394  1.00 25.91 ? 5   A47 A O1P   1 
HETATM 82  O  O2P   . A47 A 1 5  ? 0.114   5.284   9.323   1.00 22.05 ? 5   A47 A O2P   1 
HETATM 83  O  "O5'" . A47 A 1 5  ? -2.338  4.774   9.462   1.00 19.18 ? 5   A47 A "O5'" 1 
HETATM 84  C  "C5'" . A47 A 1 5  ? -3.689  5.078   9.763   1.00 17.97 ? 5   A47 A "C5'" 1 
HETATM 85  C  "C4'" . A47 A 1 5  ? -4.602  4.132   9.030   1.00 16.93 ? 5   A47 A "C4'" 1 
HETATM 86  O  "O4'" . A47 A 1 5  ? -4.472  4.385   7.614   1.00 17.63 ? 5   A47 A "O4'" 1 
HETATM 87  C  "C3'" . A47 A 1 5  ? -4.289  2.644   9.227   1.00 17.36 ? 5   A47 A "C3'" 1 
HETATM 88  O  "O3'" . A47 A 1 5  ? -5.535  1.956   9.373   1.00 17.61 ? 5   A47 A "O3'" 1 
HETATM 89  C  "C2'" . A47 A 1 5  ? -3.553  2.257   7.951   1.00 16.45 ? 5   A47 A "C2'" 1 
HETATM 90  C  "C1'" . A47 A 1 5  ? -4.139  3.192   6.912   1.00 15.33 ? 5   A47 A "C1'" 1 
HETATM 91  N  N9    . A47 A 1 5  ? -3.216  3.590   5.836   1.00 13.46 ? 5   A47 A N9    1 
HETATM 92  C  C8    . A47 A 1 5  ? -1.988  4.192   5.930   1.00 11.74 ? 5   A47 A C8    1 
HETATM 93  N  N7    . A47 A 1 5  ? -1.468  4.483   4.759   1.00 11.88 ? 5   A47 A N7    1 
HETATM 94  C  C5    . A47 A 1 5  ? -2.410  4.022   3.843   1.00 11.32 ? 5   A47 A C5    1 
HETATM 95  C  C6    . A47 A 1 5  ? -2.431  4.057   2.374   1.00 12.23 ? 5   A47 A C6    1 
HETATM 96  N  N6    . A47 A 1 5  ? -1.514  4.578   1.581   1.00 12.53 ? 5   A47 A N6    1 
HETATM 97  N  N1    . A47 A 1 5  ? -3.597  3.462   1.884   1.00 11.68 ? 5   A47 A N1    1 
HETATM 98  C  C2    . A47 A 1 5  ? -4.573  2.946   2.662   1.00 13.36 ? 5   A47 A C2    1 
HETATM 99  N  N3    . A47 A 1 5  ? -4.600  2.908   3.960   1.00 12.02 ? 5   A47 A N3    1 
HETATM 100 C  C4    . A47 A 1 5  ? -3.472  3.465   4.491   1.00 12.18 ? 5   A47 A C4    1 
HETATM 101 O  O1    . A47 A 1 5  ? -0.406  5.095   2.291   1.00 12.31 ? 5   A47 A O1    1 
HETATM 102 C  C1    . A47 A 1 5  ? 0.438   5.744   1.376   1.00 13.49 ? 5   A47 A C1    1 
ATOM   103 P  P     . DA  A 1 6  ? -5.579  0.364   9.584   1.00 16.71 ? 6   DA  A P     1 
ATOM   104 O  OP1   . DA  A 1 6  ? -6.897  -0.021  10.175  1.00 16.72 ? 6   DA  A OP1   1 
ATOM   105 O  OP2   . DA  A 1 6  ? -4.328  -0.045  10.278  1.00 18.36 ? 6   DA  A OP2   1 
ATOM   106 O  "O5'" . DA  A 1 6  ? -5.608  -0.146  8.077   1.00 15.16 ? 6   DA  A "O5'" 1 
ATOM   107 C  "C5'" . DA  A 1 6  ? -6.784  0.035   7.288   1.00 14.11 ? 6   DA  A "C5'" 1 
ATOM   108 C  "C4'" . DA  A 1 6  ? -6.652  -0.740  6.004   1.00 14.89 ? 6   DA  A "C4'" 1 
ATOM   109 O  "O4'" . DA  A 1 6  ? -5.662  -0.100  5.166   1.00 15.18 ? 6   DA  A "O4'" 1 
ATOM   110 C  "C3'" . DA  A 1 6  ? -6.211  -2.198  6.190   1.00 12.19 ? 6   DA  A "C3'" 1 
ATOM   111 O  "O3'" . DA  A 1 6  ? -7.267  -2.962  5.605   1.00 12.59 ? 6   DA  A "O3'" 1 
ATOM   112 C  "C2'" . DA  A 1 6  ? -4.863  -2.290  5.460   1.00 13.33 ? 6   DA  A "C2'" 1 
ATOM   113 C  "C1'" . DA  A 1 6  ? -4.858  -1.086  4.513   1.00 13.97 ? 6   DA  A "C1'" 1 
ATOM   114 N  N9    . DA  A 1 6  ? -3.555  -0.466  4.267   1.00 11.25 ? 6   DA  A N9    1 
ATOM   115 C  C8    . DA  A 1 6  ? -2.672  -0.042  5.207   1.00 9.81  ? 6   DA  A C8    1 
ATOM   116 N  N7    . DA  A 1 6  ? -1.625  0.573   4.721   1.00 13.64 ? 6   DA  A N7    1 
ATOM   117 C  C5    . DA  A 1 6  ? -1.820  0.526   3.348   1.00 12.50 ? 6   DA  A C5    1 
ATOM   118 C  C6    . DA  A 1 6  ? -1.053  1.013   2.270   1.00 12.57 ? 6   DA  A C6    1 
ATOM   119 N  N6    . DA  A 1 6  ? 0.101   1.664   2.437   1.00 10.30 ? 6   DA  A N6    1 
ATOM   120 N  N1    . DA  A 1 6  ? -1.521  0.801   1.014   1.00 11.13 ? 6   DA  A N1    1 
ATOM   121 C  C2    . DA  A 1 6  ? -2.678  0.147   0.870   1.00 11.20 ? 6   DA  A C2    1 
ATOM   122 N  N3    . DA  A 1 6  ? -3.499  -0.352  1.813   1.00 13.83 ? 6   DA  A N3    1 
ATOM   123 C  C4    . DA  A 1 6  ? -2.998  -0.124  3.047   1.00 13.15 ? 6   DA  A C4    1 
ATOM   124 P  P     . DT  A 1 7  ? -7.147  -4.542  5.375   1.00 15.74 ? 7   DT  A P     1 
ATOM   125 O  OP1   . DT  A 1 7  ? -8.519  -5.072  5.235   1.00 12.91 ? 7   DT  A OP1   1 
ATOM   126 O  OP2   . DT  A 1 7  ? -6.207  -5.140  6.376   1.00 16.21 ? 7   DT  A OP2   1 
ATOM   127 O  "O5'" . DT  A 1 7  ? -6.440  -4.662  3.947   1.00 15.53 ? 7   DT  A "O5'" 1 
ATOM   128 C  "C5'" . DT  A 1 7  ? -7.053  -4.085  2.806   1.00 14.89 ? 7   DT  A "C5'" 1 
ATOM   129 C  "C4'" . DT  A 1 7  ? -6.131  -4.191  1.613   1.00 14.92 ? 7   DT  A "C4'" 1 
ATOM   130 O  "O4'" . DT  A 1 7  ? -4.943  -3.419  1.840   1.00 14.81 ? 7   DT  A "O4'" 1 
ATOM   131 C  "C3'" . DT  A 1 7  ? -5.669  -5.609  1.266   1.00 15.50 ? 7   DT  A "C3'" 1 
ATOM   132 O  "O3'" . DT  A 1 7  ? -6.360  -5.979  0.066   1.00 17.00 ? 7   DT  A "O3'" 1 
ATOM   133 C  "C2'" . DT  A 1 7  ? -4.154  -5.495  1.100   1.00 13.07 ? 7   DT  A "C2'" 1 
ATOM   134 C  "C1'" . DT  A 1 7  ? -3.905  -3.993  1.065   1.00 13.52 ? 7   DT  A "C1'" 1 
ATOM   135 N  N1    . DT  A 1 7  ? -2.623  -3.500  1.602   1.00 13.93 ? 7   DT  A N1    1 
ATOM   136 C  C2    . DT  A 1 7  ? -1.727  -2.929  0.701   1.00 13.09 ? 7   DT  A C2    1 
ATOM   137 O  O2    . DT  A 1 7  ? -1.937  -2.885  -0.522  1.00 13.71 ? 7   DT  A O2    1 
ATOM   138 N  N3    . DT  A 1 7  ? -0.593  -2.417  1.271   1.00 11.96 ? 7   DT  A N3    1 
ATOM   139 C  C4    . DT  A 1 7  ? -0.260  -2.413  2.612   1.00 11.07 ? 7   DT  A C4    1 
ATOM   140 O  O4    . DT  A 1 7  ? 0.781   -1.869  2.984   1.00 11.66 ? 7   DT  A O4    1 
ATOM   141 C  C5    . DT  A 1 7  ? -1.224  -3.066  3.493   1.00 12.00 ? 7   DT  A C5    1 
ATOM   142 C  C7    . DT  A 1 7  ? -0.920  -3.147  4.960   1.00 13.42 ? 7   DT  A C7    1 
ATOM   143 C  C6    . DT  A 1 7  ? -2.334  -3.573  2.954   1.00 9.34  ? 7   DT  A C6    1 
ATOM   144 P  P     . DC  A 1 8  ? -6.150  -7.437  -0.578  1.00 18.72 ? 8   DC  A P     1 
ATOM   145 O  OP1   . DC  A 1 8  ? -7.385  -7.741  -1.336  1.00 17.47 ? 8   DC  A OP1   1 
ATOM   146 O  OP2   . DC  A 1 8  ? -5.677  -8.384  0.452   1.00 20.44 ? 8   DC  A OP2   1 
ATOM   147 O  "O5'" . DC  A 1 8  ? -4.937  -7.205  -1.588  1.00 17.31 ? 8   DC  A "O5'" 1 
ATOM   148 C  "C5'" . DC  A 1 8  ? -5.011  -6.179  -2.575  1.00 17.86 ? 8   DC  A "C5'" 1 
ATOM   149 C  "C4'" . DC  A 1 8  ? -3.703  -6.070  -3.320  1.00 16.93 ? 8   DC  A "C4'" 1 
ATOM   150 O  "O4'" . DC  A 1 8  ? -2.704  -5.474  -2.475  1.00 15.15 ? 8   DC  A "O4'" 1 
ATOM   151 C  "C3'" . DC  A 1 8  ? -3.111  -7.375  -3.867  1.00 18.43 ? 8   DC  A "C3'" 1 
ATOM   152 O  "O3'" . DC  A 1 8  ? -3.050  -7.244  -5.291  1.00 21.48 ? 8   DC  A "O3'" 1 
ATOM   153 C  "C2'" . DC  A 1 8  ? -1.739  -7.478  -3.216  1.00 15.95 ? 8   DC  A "C2'" 1 
ATOM   154 C  "C1'" . DC  A 1 8  ? -1.451  -6.065  -2.738  1.00 15.81 ? 8   DC  A "C1'" 1 
ATOM   155 N  N1    . DC  A 1 8  ? -0.678  -5.975  -1.505  1.00 14.50 ? 8   DC  A N1    1 
ATOM   156 C  C2    . DC  A 1 8  ? 0.471   -5.243  -1.508  1.00 14.70 ? 8   DC  A C2    1 
ATOM   157 O  O2    . DC  A 1 8  ? 0.872   -4.779  -2.589  1.00 16.31 ? 8   DC  A O2    1 
ATOM   158 N  N3    . DC  A 1 8  ? 1.151   -5.051  -0.344  1.00 16.98 ? 8   DC  A N3    1 
ATOM   159 C  C4    . DC  A 1 8  ? 0.702   -5.614  0.790   1.00 15.11 ? 8   DC  A C4    1 
ATOM   160 N  N4    . DC  A 1 8  ? 1.385   -5.382  1.917   1.00 14.38 ? 8   DC  A N4    1 
ATOM   161 C  C5    . DC  A 1 8  ? -0.458  -6.424  0.807   1.00 14.84 ? 8   DC  A C5    1 
ATOM   162 C  C6    . DC  A 1 8  ? -1.119  -6.576  -0.351  1.00 15.38 ? 8   DC  A C6    1 
ATOM   163 P  P     . DC  A 1 9  ? -2.359  -8.381  -6.196  1.00 23.12 ? 9   DC  A P     1 
ATOM   164 O  OP1   . DC  A 1 9  ? -3.065  -8.302  -7.494  1.00 25.80 ? 9   DC  A OP1   1 
ATOM   165 O  OP2   . DC  A 1 9  ? -2.260  -9.703  -5.488  1.00 23.58 ? 9   DC  A OP2   1 
ATOM   166 O  "O5'" . DC  A 1 9  ? -0.880  -7.829  -6.392  1.00 22.34 ? 9   DC  A "O5'" 1 
ATOM   167 C  "C5'" . DC  A 1 9  ? -0.628  -6.516  -6.874  1.00 19.62 ? 9   DC  A "C5'" 1 
ATOM   168 C  "C4'" . DC  A 1 9  ? 0.856   -6.238  -6.844  1.00 20.34 ? 9   DC  A "C4'" 1 
ATOM   169 O  "O4'" . DC  A 1 9  ? 1.379   -6.151  -5.496  1.00 18.63 ? 9   DC  A "O4'" 1 
ATOM   170 C  "C3'" . DC  A 1 9  ? 1.730   -7.265  -7.579  1.00 21.32 ? 9   DC  A "C3'" 1 
ATOM   171 O  "O3'" . DC  A 1 9  ? 2.589   -6.534  -8.453  1.00 22.71 ? 9   DC  A "O3'" 1 
ATOM   172 C  "C2'" . DC  A 1 9  ? 2.538   -7.935  -6.467  1.00 18.96 ? 9   DC  A "C2'" 1 
ATOM   173 C  "C1'" . DC  A 1 9  ? 2.632   -6.837  -5.425  1.00 18.38 ? 9   DC  A "C1'" 1 
ATOM   174 N  N1    . DC  A 1 9  ? 2.799   -7.286  -4.026  1.00 16.46 ? 9   DC  A N1    1 
ATOM   175 C  C2    . DC  A 1 9  ? 3.882   -6.781  -3.264  1.00 14.25 ? 9   DC  A C2    1 
ATOM   176 O  O2    . DC  A 1 9  ? 4.761   -6.085  -3.819  1.00 12.96 ? 9   DC  A O2    1 
ATOM   177 N  N3    . DC  A 1 9  ? 3.937   -7.073  -1.943  1.00 15.06 ? 9   DC  A N3    1 
ATOM   178 C  C4    . DC  A 1 9  ? 2.994   -7.852  -1.390  1.00 14.03 ? 9   DC  A C4    1 
ATOM   179 N  N4    . DC  A 1 9  ? 3.076   -8.080  -0.076  1.00 13.46 ? 9   DC  A N4    1 
ATOM   180 C  C5    . DC  A 1 9  ? 1.929   -8.418  -2.156  1.00 13.46 ? 9   DC  A C5    1 
ATOM   181 C  C6    . DC  A 1 9  ? 1.877   -8.120  -3.459  1.00 13.15 ? 9   DC  A C6    1 
ATOM   182 P  P     . DG  A 1 10 ? 3.158   -7.227  -9.776  1.00 24.05 ? 10  DG  A P     1 
ATOM   183 O  OP1   . DG  A 1 10 ? 3.313   -6.170  -10.825 1.00 25.23 ? 10  DG  A OP1   1 
ATOM   184 O  OP2   . DG  A 1 10 ? 2.405   -8.454  -10.057 1.00 22.61 ? 10  DG  A OP2   1 
ATOM   185 O  "O5'" . DG  A 1 10 ? 4.604   -7.688  -9.313  1.00 24.10 ? 10  DG  A "O5'" 1 
ATOM   186 C  "C5'" . DG  A 1 10 ? 5.547   -6.744  -8.839  1.00 23.06 ? 10  DG  A "C5'" 1 
ATOM   187 C  "C4'" . DG  A 1 10 ? 6.627   -7.466  -8.077  1.00 23.88 ? 10  DG  A "C4'" 1 
ATOM   188 O  "O4'" . DG  A 1 10 ? 6.157   -7.827  -6.759  1.00 23.62 ? 10  DG  A "O4'" 1 
ATOM   189 C  "C3'" . DG  A 1 10 ? 7.038   -8.786  -8.731  1.00 23.53 ? 10  DG  A "C3'" 1 
ATOM   190 O  "O3'" . DG  A 1 10 ? 8.441   -8.913  -8.569  1.00 27.26 ? 10  DG  A "O3'" 1 
ATOM   191 C  "C2'" . DG  A 1 10 ? 6.364   -9.824  -7.845  1.00 21.73 ? 10  DG  A "C2'" 1 
ATOM   192 C  "C1'" . DG  A 1 10 ? 6.588   -9.146  -6.528  1.00 18.98 ? 10  DG  A "C1'" 1 
ATOM   193 N  N9    . DG  A 1 10 ? 5.923   -9.661  -5.334  1.00 17.29 ? 10  DG  A N9    1 
ATOM   194 C  C8    . DG  A 1 10 ? 4.811   -10.454 -5.250  1.00 15.77 ? 10  DG  A C8    1 
ATOM   195 N  N7    . DG  A 1 10 ? 4.505   -10.770 -4.018  1.00 13.46 ? 10  DG  A N7    1 
ATOM   196 C  C5    . DG  A 1 10 ? 5.468   -10.132 -3.251  1.00 12.81 ? 10  DG  A C5    1 
ATOM   197 C  C6    . DG  A 1 10 ? 5.650   -10.099 -1.847  1.00 13.94 ? 10  DG  A C6    1 
ATOM   198 O  O6    . DG  A 1 10 ? 4.968   -10.657 -0.981  1.00 13.41 ? 10  DG  A O6    1 
ATOM   199 N  N1    . DG  A 1 10 ? 6.756   -9.330  -1.483  1.00 13.59 ? 10  DG  A N1    1 
ATOM   200 C  C2    . DG  A 1 10 ? 7.581   -8.691  -2.366  1.00 13.18 ? 10  DG  A C2    1 
ATOM   201 N  N2    . DG  A 1 10 ? 8.617   -8.015  -1.851  1.00 12.01 ? 10  DG  A N2    1 
ATOM   202 N  N3    . DG  A 1 10 ? 7.410   -8.713  -3.676  1.00 13.80 ? 10  DG  A N3    1 
ATOM   203 C  C4    . DG  A 1 10 ? 6.345   -9.444  -4.042  1.00 14.19 ? 10  DG  A C4    1 
ATOM   204 P  P     . DC  A 1 11 ? 9.415   -8.516  -9.773  1.00 29.85 ? 11  DC  A P     1 
ATOM   205 O  OP1   . DC  A 1 11 ? 8.740   -7.474  -10.614 1.00 30.26 ? 11  DC  A OP1   1 
ATOM   206 O  OP2   . DC  A 1 11 ? 9.759   -9.837  -10.363 1.00 29.57 ? 11  DC  A OP2   1 
ATOM   207 O  "O5'" . DC  A 1 11 ? 10.658  -7.849  -9.034  1.00 25.52 ? 11  DC  A "O5'" 1 
ATOM   208 C  "C5'" . DC  A 1 11 ? 10.552  -6.559  -8.440  1.00 23.75 ? 11  DC  A "C5'" 1 
ATOM   209 C  "C4'" . DC  A 1 11 ? 11.463  -6.458  -7.233  1.00 24.23 ? 11  DC  A "C4'" 1 
ATOM   210 O  "O4'" . DC  A 1 11 ? 10.921  -7.209  -6.106  1.00 22.06 ? 11  DC  A "O4'" 1 
ATOM   211 C  "C3'" . DC  A 1 11 ? 12.886  -6.981  -7.426  1.00 20.31 ? 11  DC  A "C3'" 1 
ATOM   212 O  "O3'" . DC  A 1 11 ? 13.754  -6.138  -6.658  1.00 21.36 ? 11  DC  A "O3'" 1 
ATOM   213 C  "C2'" . DC  A 1 11 ? 12.792  -8.404  -6.880  1.00 19.22 ? 11  DC  A "C2'" 1 
ATOM   214 C  "C1'" . DC  A 1 11 ? 11.815  -8.245  -5.708  1.00 18.18 ? 11  DC  A "C1'" 1 
ATOM   215 N  N1    . DC  A 1 11 ? 10.987  -9.417  -5.333  1.00 16.12 ? 11  DC  A N1    1 
ATOM   216 C  C2    . DC  A 1 11 ? 10.869  -9.758  -3.962  1.00 12.00 ? 11  DC  A C2    1 
ATOM   217 O  O2    . DC  A 1 11 ? 11.556  -9.161  -3.145  1.00 13.98 ? 11  DC  A O2    1 
ATOM   218 N  N3    . DC  A 1 11 ? 10.006  -10.726 -3.588  1.00 11.79 ? 11  DC  A N3    1 
ATOM   219 C  C4    . DC  A 1 11 ? 9.271   -11.362 -4.508  1.00 13.19 ? 11  DC  A C4    1 
ATOM   220 N  N4    . DC  A 1 11 ? 8.368   -12.266 -4.085  1.00 12.23 ? 11  DC  A N4    1 
ATOM   221 C  C5    . DC  A 1 11 ? 9.416   -11.091 -5.915  1.00 15.92 ? 11  DC  A C5    1 
ATOM   222 C  C6    . DC  A 1 11 ? 10.287  -10.124 -6.274  1.00 15.00 ? 11  DC  A C6    1 
ATOM   223 P  P     . DG  A 1 12 ? 15.346  -6.108  -6.940  1.00 25.47 ? 12  DG  A P     1 
ATOM   224 O  OP1   . DG  A 1 12 ? 15.868  -4.783  -6.473  1.00 23.76 ? 12  DG  A OP1   1 
ATOM   225 O  OP2   . DG  A 1 12 ? 15.643  -6.588  -8.312  1.00 26.69 ? 12  DG  A OP2   1 
ATOM   226 O  "O5'" . DG  A 1 12 ? 15.935  -7.230  -5.982  1.00 23.68 ? 12  DG  A "O5'" 1 
ATOM   227 C  "C5'" . DG  A 1 12 ? 16.172  -6.950  -4.601  1.00 22.48 ? 12  DG  A "C5'" 1 
ATOM   228 C  "C4'" . DG  A 1 12 ? 16.517  -8.226  -3.871  1.00 20.27 ? 12  DG  A "C4'" 1 
ATOM   229 O  "O4'" . DG  A 1 12 ? 15.367  -9.087  -3.821  1.00 18.43 ? 12  DG  A "O4'" 1 
ATOM   230 C  "C3'" . DG  A 1 12 ? 17.621  -9.043  -4.552  1.00 17.96 ? 12  DG  A "C3'" 1 
ATOM   231 O  "O3'" . DG  A 1 12 ? 18.843  -8.705  -3.906  1.00 17.40 ? 12  DG  A "O3'" 1 
ATOM   232 C  "C2'" . DG  A 1 12 ? 17.155  -10.494 -4.445  1.00 18.38 ? 12  DG  A "C2'" 1 
ATOM   233 C  "C1'" . DG  A 1 12 ? 15.824  -10.422 -3.677  1.00 16.89 ? 12  DG  A "C1'" 1 
ATOM   234 N  N9    . DG  A 1 12 ? 14.758  -11.296 -4.151  1.00 15.70 ? 12  DG  A N9    1 
ATOM   235 C  C8    . DG  A 1 12 ? 14.340  -11.481 -5.445  1.00 14.81 ? 12  DG  A C8    1 
ATOM   236 N  N7    . DG  A 1 12 ? 13.301  -12.262 -5.537  1.00 15.38 ? 12  DG  A N7    1 
ATOM   237 C  C5    . DG  A 1 12 ? 13.035  -12.630 -4.227  1.00 13.43 ? 12  DG  A C5    1 
ATOM   238 C  C6    . DG  A 1 12 ? 12.047  -13.466 -3.707  1.00 12.34 ? 12  DG  A C6    1 
ATOM   239 O  O6    . DG  A 1 12 ? 11.170  -14.084 -4.314  1.00 15.77 ? 12  DG  A O6    1 
ATOM   240 N  N1    . DG  A 1 12 ? 12.143  -13.576 -2.325  1.00 13.81 ? 12  DG  A N1    1 
ATOM   241 C  C2    . DG  A 1 12 ? 13.089  -12.964 -1.556  1.00 11.96 ? 12  DG  A C2    1 
ATOM   242 N  N2    . DG  A 1 12 ? 13.043  -13.205 -0.225  1.00 16.82 ? 12  DG  A N2    1 
ATOM   243 N  N3    . DG  A 1 12 ? 14.024  -12.178 -2.035  1.00 12.59 ? 12  DG  A N3    1 
ATOM   244 C  C4    . DG  A 1 12 ? 13.939  -12.056 -3.367  1.00 14.24 ? 12  DG  A C4    1 
ATOM   245 O  "O5'" . DC  B 1 1  ? 8.795   -20.706 2.274   1.00 35.55 ? 13  DC  B "O5'" 1 
ATOM   246 C  "C5'" . DC  B 1 1  ? 8.186   -19.732 3.079   1.00 31.53 ? 13  DC  B "C5'" 1 
ATOM   247 C  "C4'" . DC  B 1 1  ? 9.106   -18.618 3.524   1.00 32.69 ? 13  DC  B "C4'" 1 
ATOM   248 O  "O4'" . DC  B 1 1  ? 9.801   -18.008 2.411   1.00 32.59 ? 13  DC  B "O4'" 1 
ATOM   249 C  "C3'" . DC  B 1 1  ? 8.327   -17.489 4.183   1.00 33.32 ? 13  DC  B "C3'" 1 
ATOM   250 O  "O3'" . DC  B 1 1  ? 9.030   -16.965 5.280   1.00 34.97 ? 13  DC  B "O3'" 1 
ATOM   251 C  "C2'" . DC  B 1 1  ? 8.241   -16.407 3.130   1.00 33.22 ? 13  DC  B "C2'" 1 
ATOM   252 C  "C1'" . DC  B 1 1  ? 9.528   -16.600 2.372   1.00 34.30 ? 13  DC  B "C1'" 1 
ATOM   253 N  N1    . DC  B 1 1  ? 9.375   -16.201 0.965   1.00 35.77 ? 13  DC  B N1    1 
ATOM   254 C  C2    . DC  B 1 1  ? 10.281  -15.281 0.398   1.00 33.72 ? 13  DC  B C2    1 
ATOM   255 O  O2    . DC  B 1 1  ? 11.195  -14.826 1.092   1.00 32.47 ? 13  DC  B O2    1 
ATOM   256 N  N3    . DC  B 1 1  ? 10.125  -14.923 -0.890  1.00 33.92 ? 13  DC  B N3    1 
ATOM   257 C  C4    . DC  B 1 1  ? 9.126   -15.441 -1.610  1.00 35.47 ? 13  DC  B C4    1 
ATOM   258 N  N4    . DC  B 1 1  ? 9.007   -15.063 -2.876  1.00 37.13 ? 13  DC  B N4    1 
ATOM   259 C  C5    . DC  B 1 1  ? 8.198   -16.373 -1.063  1.00 36.27 ? 13  DC  B C5    1 
ATOM   260 C  C6    . DC  B 1 1  ? 8.357   -16.720 0.214   1.00 36.55 ? 13  DC  B C6    1 
ATOM   261 P  P     . DG  B 1 2  ? 8.198   -16.248 6.422   1.00 33.77 ? 14  DG  B P     1 
ATOM   262 O  OP1   . DG  B 1 2  ? 8.198   -17.132 7.625   1.00 35.34 ? 14  DG  B OP1   1 
ATOM   263 O  OP2   . DG  B 1 2  ? 6.908   -15.903 5.745   1.00 33.82 ? 14  DG  B OP2   1 
ATOM   264 O  "O5'" . DG  B 1 2  ? 8.983   -14.887 6.699   1.00 29.39 ? 14  DG  B "O5'" 1 
ATOM   265 C  "C5'" . DG  B 1 2  ? 10.397  -14.818 6.726   1.00 22.68 ? 14  DG  B "C5'" 1 
ATOM   266 C  "C4'" . DG  B 1 2  ? 10.836  -13.521 6.093   1.00 21.67 ? 14  DG  B "C4'" 1 
ATOM   267 O  "O4'" . DG  B 1 2  ? 10.603  -13.594 4.670   1.00 18.93 ? 14  DG  B "O4'" 1 
ATOM   268 C  "C3'" . DG  B 1 2  ? 10.036  -12.314 6.588   1.00 19.79 ? 14  DG  B "C3'" 1 
ATOM   269 O  "O3'" . DG  B 1 2  ? 10.904  -11.449 7.297   1.00 17.83 ? 14  DG  B "O3'" 1 
ATOM   270 C  "C2'" . DG  B 1 2  ? 9.489   -11.656 5.325   1.00 20.39 ? 14  DG  B "C2'" 1 
ATOM   271 C  "C1'" . DG  B 1 2  ? 10.267  -12.306 4.189   1.00 18.48 ? 14  DG  B "C1'" 1 
ATOM   272 N  N9    . DG  B 1 2  ? 9.494   -12.494 2.965   1.00 16.40 ? 14  DG  B N9    1 
ATOM   273 C  C8    . DG  B 1 2  ? 8.381   -13.271 2.835   1.00 17.01 ? 14  DG  B C8    1 
ATOM   274 N  N7    . DG  B 1 2  ? 7.905   -13.287 1.625   1.00 16.13 ? 14  DG  B N7    1 
ATOM   275 C  C5    . DG  B 1 2  ? 8.754   -12.460 0.913   1.00 14.59 ? 14  DG  B C5    1 
ATOM   276 C  C6    . DG  B 1 2  ? 8.723   -12.097 -0.445  1.00 13.46 ? 14  DG  B C6    1 
ATOM   277 O  O6    . DG  B 1 2  ? 7.917   -12.455 -1.305  1.00 14.16 ? 14  DG  B O6    1 
ATOM   278 N  N1    . DG  B 1 2  ? 9.760   -11.238 -0.765  1.00 11.37 ? 14  DG  B N1    1 
ATOM   279 C  C2    . DG  B 1 2  ? 10.716  -10.799 0.118   1.00 13.25 ? 14  DG  B C2    1 
ATOM   280 N  N2    . DG  B 1 2  ? 11.674  -10.007 -0.385  1.00 11.97 ? 14  DG  B N2    1 
ATOM   281 N  N3    . DG  B 1 2  ? 10.740  -11.123 1.405   1.00 12.96 ? 14  DG  B N3    1 
ATOM   282 C  C4    . DG  B 1 2  ? 9.739   -11.954 1.724   1.00 14.01 ? 14  DG  B C4    1 
ATOM   283 P  P     . DC  B 1 3  ? 10.319  -10.164 8.026   1.00 19.20 ? 15  DC  B P     1 
ATOM   284 O  OP1   . DC  B 1 3  ? 11.165  -9.884  9.196   1.00 20.11 ? 15  DC  B OP1   1 
ATOM   285 O  OP2   . DC  B 1 3  ? 8.860   -10.352 8.172   1.00 19.95 ? 15  DC  B OP2   1 
ATOM   286 O  "O5'" . DC  B 1 3  ? 10.575  -8.989  6.982   1.00 19.40 ? 15  DC  B "O5'" 1 
ATOM   287 C  "C5'" . DC  B 1 3  ? 11.871  -8.820  6.384   1.00 17.85 ? 15  DC  B "C5'" 1 
ATOM   288 C  "C4'" . DC  B 1 3  ? 11.757  -8.053  5.085   1.00 14.33 ? 15  DC  B "C4'" 1 
ATOM   289 O  "O4'" . DC  B 1 3  ? 11.004  -8.855  4.151   1.00 13.38 ? 15  DC  B "O4'" 1 
ATOM   290 C  "C3'" . DC  B 1 3  ? 10.993  -6.724  5.173   1.00 14.78 ? 15  DC  B "C3'" 1 
ATOM   291 O  "O3'" . DC  B 1 3  ? 11.885  -5.661  5.471   1.00 15.76 ? 15  DC  B "O3'" 1 
ATOM   292 C  "C2'" . DC  B 1 3  ? 10.454  -6.555  3.763   1.00 16.12 ? 15  DC  B "C2'" 1 
ATOM   293 C  "C1'" . DC  B 1 3  ? 10.388  -7.975  3.200   1.00 12.70 ? 15  DC  B "C1'" 1 
ATOM   294 N  N1    . DC  B 1 3  ? 9.031   -8.462  2.924   1.00 13.98 ? 15  DC  B N1    1 
ATOM   295 C  C2    . DC  B 1 3  ? 8.602   -8.507  1.578   1.00 13.37 ? 15  DC  B C2    1 
ATOM   296 O  O2    . DC  B 1 3  ? 9.363   -8.061  0.700   1.00 15.27 ? 15  DC  B O2    1 
ATOM   297 N  N3    . DC  B 1 3  ? 7.388   -9.026  1.280   1.00 11.22 ? 15  DC  B N3    1 
ATOM   298 C  C4    . DC  B 1 3  ? 6.608   -9.482  2.262   1.00 11.71 ? 15  DC  B C4    1 
ATOM   299 N  N4    . DC  B 1 3  ? 5.457   -10.014 1.924   1.00 11.92 ? 15  DC  B N4    1 
ATOM   300 C  C5    . DC  B 1 3  ? 6.997   -9.413  3.638   1.00 11.63 ? 15  DC  B C5    1 
ATOM   301 C  C6    . DC  B 1 3  ? 8.204   -8.892  3.924   1.00 12.28 ? 15  DC  B C6    1 
ATOM   302 P  P     . DG  B 1 4  ? 11.321  -4.197  5.829   1.00 19.53 ? 16  DG  B P     1 
ATOM   303 O  OP1   . DG  B 1 4  ? 12.341  -3.538  6.684   1.00 17.49 ? 16  DG  B OP1   1 
ATOM   304 O  OP2   . DG  B 1 4  ? 9.933   -4.335  6.315   1.00 19.31 ? 16  DG  B OP2   1 
ATOM   305 O  "O5'" . DG  B 1 4  ? 11.262  -3.428  4.436   1.00 17.68 ? 16  DG  B "O5'" 1 
ATOM   306 C  "C5'" . DG  B 1 4  ? 12.414  -3.322  3.602   1.00 16.37 ? 16  DG  B "C5'" 1 
ATOM   307 C  "C4'" . DG  B 1 4  ? 12.022  -2.825  2.232   1.00 16.04 ? 16  DG  B "C4'" 1 
ATOM   308 O  "O4'" . DG  B 1 4  ? 11.031  -3.732  1.683   1.00 16.78 ? 16  DG  B "O4'" 1 
ATOM   309 C  "C3'" . DG  B 1 4  ? 11.382  -1.429  2.216   1.00 17.57 ? 16  DG  B "C3'" 1 
ATOM   310 O  "O3'" . DG  B 1 4  ? 11.866  -0.739  1.057   1.00 18.01 ? 16  DG  B "O3'" 1 
ATOM   311 C  "C2'" . DG  B 1 4  ? 9.885   -1.722  2.208   1.00 16.20 ? 16  DG  B "C2'" 1 
ATOM   312 C  "C1'" . DG  B 1 4  ? 9.808   -3.034  1.439   1.00 15.29 ? 16  DG  B "C1'" 1 
ATOM   313 N  N9    . DG  B 1 4  ? 8.684   -3.902  1.780   1.00 11.76 ? 16  DG  B N9    1 
ATOM   314 C  C8    . DG  B 1 4  ? 8.176   -4.177  3.030   1.00 13.21 ? 16  DG  B C8    1 
ATOM   315 N  N7    . DG  B 1 4  ? 7.117   -4.943  2.998   1.00 12.04 ? 16  DG  B N7    1 
ATOM   316 C  C5    . DG  B 1 4  ? 6.925   -5.199  1.646   1.00 11.29 ? 16  DG  B C5    1 
ATOM   317 C  C6    . DG  B 1 4  ? 5.929   -5.965  0.986   1.00 11.33 ? 16  DG  B C6    1 
ATOM   318 O  O6    . DG  B 1 4  ? 4.981   -6.609  1.472   1.00 11.91 ? 16  DG  B O6    1 
ATOM   319 N  N1    . DG  B 1 4  ? 6.113   -5.951  -0.400  1.00 13.40 ? 16  DG  B N1    1 
ATOM   320 C  C2    . DG  B 1 4  ? 7.124   -5.285  -1.053  1.00 11.15 ? 16  DG  B C2    1 
ATOM   321 N  N2    . DG  B 1 4  ? 7.141   -5.400  -2.409  1.00 13.79 ? 16  DG  B N2    1 
ATOM   322 N  N3    . DG  B 1 4  ? 8.052   -4.564  -0.444  1.00 12.49 ? 16  DG  B N3    1 
ATOM   323 C  C4    . DG  B 1 4  ? 7.895   -4.567  0.890   1.00 12.45 ? 16  DG  B C4    1 
HETATM 324 O  O3P   . A47 B 1 5  ? 12.125  1.405   -0.114  1.00 20.61 ? 17  A47 B O3P   1 
HETATM 325 P  P     . A47 B 1 5  ? 11.069  0.538   0.438   1.00 20.70 ? 17  A47 B P     1 
HETATM 326 O  O2P   . A47 B 1 5  ? 10.078  1.113   1.389   1.00 21.53 ? 17  A47 B O2P   1 
HETATM 327 O  "O5'" . A47 B 1 5  ? 10.240  -0.131  -0.734  1.00 19.38 ? 17  A47 B "O5'" 1 
HETATM 328 C  "C5'" . A47 B 1 5  ? 10.897  -0.925  -1.715  1.00 19.51 ? 17  A47 B "C5'" 1 
HETATM 329 C  "C4'" . A47 B 1 5  ? 9.997   -1.140  -2.911  1.00 18.95 ? 17  A47 B "C4'" 1 
HETATM 330 O  "O4'" . A47 B 1 5  ? 8.853   -1.971  -2.575  1.00 17.77 ? 17  A47 B "O4'" 1 
HETATM 331 C  "C3'" . A47 B 1 5  ? 9.414   0.130   -3.532  1.00 20.15 ? 17  A47 B "C3'" 1 
HETATM 332 O  "O3'" . A47 B 1 5  ? 9.315   -0.084  -4.961  1.00 23.55 ? 17  A47 B "O3'" 1 
HETATM 333 C  "C2'" . A47 B 1 5  ? 8.041   0.225   -2.876  1.00 18.08 ? 17  A47 B "C2'" 1 
HETATM 334 C  "C1'" . A47 B 1 5  ? 7.629   -1.238  -2.699  1.00 17.28 ? 17  A47 B "C1'" 1 
HETATM 335 N  N9    . A47 B 1 5  ? 6.833   -1.526  -1.487  1.00 13.14 ? 17  A47 B N9    1 
HETATM 336 C  C8    . A47 B 1 5  ? 7.091   -1.166  -0.197  1.00 12.20 ? 17  A47 B C8    1 
HETATM 337 N  N7    . A47 B 1 5  ? 6.213   -1.656  0.657   1.00 11.51 ? 17  A47 B N7    1 
HETATM 338 C  C5    . A47 B 1 5  ? 5.321   -2.368  -0.129  1.00 10.81 ? 17  A47 B C5    1 
HETATM 339 C  C6    . A47 B 1 5  ? 4.147   -3.164  0.229   1.00 11.96 ? 17  A47 B C6    1 
HETATM 340 N  N6    . A47 B 1 5  ? 3.704   -3.388  1.449   1.00 12.57 ? 17  A47 B N6    1 
HETATM 341 N  N1    . A47 B 1 5  ? 3.537   -3.707  -0.909  1.00 12.52 ? 17  A47 B N1    1 
HETATM 342 C  C2    . A47 B 1 5  ? 3.998   -3.524  -2.166  1.00 11.45 ? 17  A47 B C2    1 
HETATM 343 N  N3    . A47 B 1 5  ? 5.044   -2.840  -2.519  1.00 10.37 ? 17  A47 B N3    1 
HETATM 344 C  C4    . A47 B 1 5  ? 5.670   -2.283  -1.441  1.00 10.94 ? 17  A47 B C4    1 
HETATM 345 O  O1    . A47 B 1 5  ? 4.469   -2.737  2.429   1.00 14.81 ? 17  A47 B O1    1 
HETATM 346 C  C1    . A47 B 1 5  ? 4.267   -3.428  3.640   1.00 17.32 ? 17  A47 B C1    1 
ATOM   347 P  P     . DA  B 1 6  ? 8.800   1.115   -5.936  1.00 24.68 ? 18  DA  B P     1 
ATOM   348 O  OP1   . DA  B 1 6  ? 9.485   0.889   -7.236  1.00 26.11 ? 18  DA  B OP1   1 
ATOM   349 O  OP2   . DA  B 1 6  ? 8.977   2.399   -5.220  1.00 21.41 ? 18  DA  B OP2   1 
ATOM   350 O  "O5'" . DA  B 1 6  ? 7.246   0.821   -6.107  1.00 21.42 ? 18  DA  B "O5'" 1 
ATOM   351 C  "C5'" . DA  B 1 6  ? 6.796   -0.394  -6.691  1.00 19.49 ? 18  DA  B "C5'" 1 
ATOM   352 C  "C4'" . DA  B 1 6  ? 5.301   -0.506  -6.548  1.00 20.18 ? 18  DA  B "C4'" 1 
ATOM   353 O  "O4'" . DA  B 1 6  ? 4.935   -0.724  -5.165  1.00 18.32 ? 18  DA  B "O4'" 1 
ATOM   354 C  "C3'" . DA  B 1 6  ? 4.555   0.757   -6.987  1.00 20.56 ? 18  DA  B "C3'" 1 
ATOM   355 O  "O3'" . DA  B 1 6  ? 3.718   0.396   -8.091  1.00 23.78 ? 18  DA  B "O3'" 1 
ATOM   356 C  "C2'" . DA  B 1 6  ? 3.730   1.161   -5.761  1.00 20.49 ? 18  DA  B "C2'" 1 
ATOM   357 C  "C1'" . DA  B 1 6  ? 3.673   -0.118  -4.942  1.00 18.02 ? 18  DA  B "C1'" 1 
ATOM   358 N  N9    . DA  B 1 6  ? 3.530   0.085   -3.494  1.00 14.11 ? 18  DA  B N9    1 
ATOM   359 C  C8    . DA  B 1 6  ? 4.327   0.849   -2.679  1.00 11.80 ? 18  DA  B C8    1 
ATOM   360 N  N7    . DA  B 1 6  ? 4.021   0.760   -1.408  1.00 10.15 ? 18  DA  B N7    1 
ATOM   361 C  C5    . DA  B 1 6  ? 2.928   -0.094  -1.388  1.00 8.75  ? 18  DA  B C5    1 
ATOM   362 C  C6    . DA  B 1 6  ? 2.131   -0.589  -0.329  1.00 8.45  ? 18  DA  B C6    1 
ATOM   363 N  N6    . DA  B 1 6  ? 2.368   -0.305  0.958   1.00 9.19  ? 18  DA  B N6    1 
ATOM   364 N  N1    . DA  B 1 6  ? 1.101   -1.393  -0.646  1.00 8.60  ? 18  DA  B N1    1 
ATOM   365 C  C2    . DA  B 1 6  ? 0.901   -1.702  -1.937  1.00 11.15 ? 18  DA  B C2    1 
ATOM   366 N  N3    . DA  B 1 6  ? 1.590   -1.316  -3.017  1.00 8.38  ? 18  DA  B N3    1 
ATOM   367 C  C4    . DA  B 1 6  ? 2.598   -0.503  -2.667  1.00 9.08  ? 18  DA  B C4    1 
ATOM   368 P  P     . DT  B 1 7  ? 2.742   1.484   -8.754  1.00 21.02 ? 19  DT  B P     1 
ATOM   369 O  OP1   . DT  B 1 7  ? 2.635   1.053   -10.180 1.00 22.97 ? 19  DT  B OP1   1 
ATOM   370 O  OP2   . DT  B 1 7  ? 3.248   2.830   -8.400  1.00 21.11 ? 19  DT  B OP2   1 
ATOM   371 O  "O5'" . DT  B 1 7  ? 1.354   1.198   -8.038  1.00 18.39 ? 19  DT  B "O5'" 1 
ATOM   372 C  "C5'" . DT  B 1 7  ? 0.796   -0.103  -8.058  1.00 14.57 ? 19  DT  B "C5'" 1 
ATOM   373 C  "C4'" . DT  B 1 7  ? -0.337  -0.180  -7.064  1.00 17.19 ? 19  DT  B "C4'" 1 
ATOM   374 O  "O4'" . DT  B 1 7  ? 0.140   0.103   -5.733  1.00 16.80 ? 19  DT  B "O4'" 1 
ATOM   375 C  "C3'" . DT  B 1 7  ? -1.491  0.800   -7.317  1.00 15.03 ? 19  DT  B "C3'" 1 
ATOM   376 O  "O3'" . DT  B 1 7  ? -2.578  0.013   -7.794  1.00 18.42 ? 19  DT  B "O3'" 1 
ATOM   377 C  "C2'" . DT  B 1 7  ? -1.774  1.441   -5.955  1.00 16.13 ? 19  DT  B "C2'" 1 
ATOM   378 C  "C1'" . DT  B 1 7  ? -0.983  0.570   -4.980  1.00 14.67 ? 19  DT  B "C1'" 1 
ATOM   379 N  N1    . DT  B 1 7  ? -0.467  1.232   -3.752  1.00 11.69 ? 19  DT  B N1    1 
ATOM   380 C  C2    . DT  B 1 7  ? -1.041  0.870   -2.539  1.00 6.95  ? 19  DT  B C2    1 
ATOM   381 O  O2    . DT  B 1 7  ? -1.993  0.106   -2.462  1.00 9.40  ? 19  DT  B O2    1 
ATOM   382 N  N3    . DT  B 1 7  ? -0.454  1.436   -1.444  1.00 6.61  ? 19  DT  B N3    1 
ATOM   383 C  C4    . DT  B 1 7  ? 0.604   2.309   -1.421  1.00 7.83  ? 19  DT  B C4    1 
ATOM   384 O  O4    . DT  B 1 7  ? 1.052   2.711   -0.361  1.00 10.71 ? 19  DT  B O4    1 
ATOM   385 C  C5    . DT  B 1 7  ? 1.130   2.685   -2.728  1.00 10.60 ? 19  DT  B C5    1 
ATOM   386 C  C7    . DT  B 1 7  ? 2.266   3.657   -2.797  1.00 9.93  ? 19  DT  B C7    1 
ATOM   387 C  C6    . DT  B 1 7  ? 0.565   2.134   -3.809  1.00 9.74  ? 19  DT  B C6    1 
ATOM   388 P  P     . DC  B 1 8  ? -3.984  0.695   -8.165  1.00 20.66 ? 20  DC  B P     1 
ATOM   389 O  OP1   . DC  B 1 8  ? -4.683  -0.204  -9.093  1.00 20.07 ? 20  DC  B OP1   1 
ATOM   390 O  OP2   . DC  B 1 8  ? -3.759  2.127   -8.517  1.00 23.53 ? 20  DC  B OP2   1 
ATOM   391 O  "O5'" . DC  B 1 8  ? -4.782  0.625   -6.799  1.00 21.29 ? 20  DC  B "O5'" 1 
ATOM   392 C  "C5'" . DC  B 1 8  ? -5.007  -0.625  -6.194  1.00 19.19 ? 20  DC  B "C5'" 1 
ATOM   393 C  "C4'" . DC  B 1 8  ? -5.689  -0.428  -4.870  1.00 19.08 ? 20  DC  B "C4'" 1 
ATOM   394 O  "O4'" . DC  B 1 8  ? -4.828  0.265   -3.953  1.00 17.40 ? 20  DC  B "O4'" 1 
ATOM   395 C  "C3'" . DC  B 1 8  ? -7.004  0.349   -4.908  1.00 19.72 ? 20  DC  B "C3'" 1 
ATOM   396 O  "O3'" . DC  B 1 8  ? -7.895  -0.507  -4.204  1.00 21.91 ? 20  DC  B "O3'" 1 
ATOM   397 C  "C2'" . DC  B 1 8  ? -6.691  1.630   -4.135  1.00 17.40 ? 20  DC  B "C2'" 1 
ATOM   398 C  "C1'" . DC  B 1 8  ? -5.589  1.178   -3.189  1.00 15.35 ? 20  DC  B "C1'" 1 
ATOM   399 N  N1    . DC  B 1 8  ? -4.647  2.181   -2.705  1.00 13.27 ? 20  DC  B N1    1 
ATOM   400 C  C2    . DC  B 1 8  ? -4.517  2.386   -1.320  1.00 12.47 ? 20  DC  B C2    1 
ATOM   401 O  O2    . DC  B 1 8  ? -5.284  1.777   -0.549  1.00 14.27 ? 20  DC  B O2    1 
ATOM   402 N  N3    . DC  B 1 8  ? -3.564  3.231   -0.863  1.00 12.78 ? 20  DC  B N3    1 
ATOM   403 C  C4    . DC  B 1 8  ? -2.767  3.873   -1.737  1.00 12.91 ? 20  DC  B C4    1 
ATOM   404 N  N4    . DC  B 1 8  ? -1.833  4.684   -1.268  1.00 12.72 ? 20  DC  B N4    1 
ATOM   405 C  C5    . DC  B 1 8  ? -2.903  3.707   -3.144  1.00 12.81 ? 20  DC  B C5    1 
ATOM   406 C  C6    . DC  B 1 8  ? -3.853  2.872   -3.580  1.00 13.15 ? 20  DC  B C6    1 
ATOM   407 P  P     . DC  B 1 9  ? -9.467  -0.310  -4.311  1.00 24.26 ? 21  DC  B P     1 
ATOM   408 O  OP1   . DC  B 1 9  ? -9.960  -1.691  -4.080  1.00 22.50 ? 21  DC  B OP1   1 
ATOM   409 O  OP2   . DC  B 1 9  ? -9.798  0.399   -5.556  1.00 22.91 ? 21  DC  B OP2   1 
ATOM   410 O  "O5'" . DC  B 1 9  ? -9.789  0.610   -3.044  1.00 21.47 ? 21  DC  B "O5'" 1 
ATOM   411 C  "C5'" . DC  B 1 9  ? -9.547  0.103   -1.727  1.00 20.37 ? 21  DC  B "C5'" 1 
ATOM   412 C  "C4'" . DC  B 1 9  ? -9.665  1.199   -0.694  1.00 19.08 ? 21  DC  B "C4'" 1 
ATOM   413 O  "O4'" . DC  B 1 9  ? -8.491  2.022   -0.712  1.00 17.86 ? 21  DC  B "O4'" 1 
ATOM   414 C  "C3'" . DC  B 1 9  ? -10.850 2.157   -0.841  1.00 18.73 ? 21  DC  B "C3'" 1 
ATOM   415 O  "O3'" . DC  B 1 9  ? -11.777 1.856   0.196   1.00 23.14 ? 21  DC  B "O3'" 1 
ATOM   416 C  "C2'" . DC  B 1 9  ? -10.249 3.549   -0.651  1.00 17.54 ? 21  DC  B "C2'" 1 
ATOM   417 C  "C1'" . DC  B 1 9  ? -8.839  3.272   -0.152  1.00 18.56 ? 21  DC  B "C1'" 1 
ATOM   418 N  N1    . DC  B 1 9  ? -7.795  4.215   -0.559  1.00 18.04 ? 21  DC  B N1    1 
ATOM   419 C  C2    . DC  B 1 9  ? -7.020  4.817   0.421   1.00 16.87 ? 21  DC  B C2    1 
ATOM   420 O  O2    . DC  B 1 9  ? -7.306  4.629   1.605   1.00 18.47 ? 21  DC  B O2    1 
ATOM   421 N  N3    . DC  B 1 9  ? -5.971  5.588   0.049   1.00 16.43 ? 21  DC  B N3    1 
ATOM   422 C  C4    . DC  B 1 9  ? -5.711  5.775   -1.246  1.00 15.54 ? 21  DC  B C4    1 
ATOM   423 N  N4    . DC  B 1 9  ? -4.650  6.507   -1.567  1.00 14.56 ? 21  DC  B N4    1 
ATOM   424 C  C5    . DC  B 1 9  ? -6.522  5.214   -2.265  1.00 14.91 ? 21  DC  B C5    1 
ATOM   425 C  C6    . DC  B 1 9  ? -7.543  4.450   -1.884  1.00 15.61 ? 21  DC  B C6    1 
ATOM   426 P  P     . DG  B 1 10 ? -13.276 2.411   0.122   1.00 23.57 ? 22  DG  B P     1 
ATOM   427 O  OP1   . DG  B 1 10 ? -14.122 1.426   0.846   1.00 25.71 ? 22  DG  B OP1   1 
ATOM   428 O  OP2   . DG  B 1 10 ? -13.612 2.781   -1.271  1.00 25.36 ? 22  DG  B OP2   1 
ATOM   429 O  "O5'" . DG  B 1 10 ? -13.166 3.748   0.973   1.00 25.37 ? 22  DG  B "O5'" 1 
ATOM   430 C  "C5'" . DG  B 1 10 ? -12.739 3.704   2.335   1.00 24.21 ? 22  DG  B "C5'" 1 
ATOM   431 C  "C4'" . DG  B 1 10 ? -12.488 5.102   2.848   1.00 21.57 ? 22  DG  B "C4'" 1 
ATOM   432 O  "O4'" . DG  B 1 10 ? -11.255 5.615   2.307   1.00 19.46 ? 22  DG  B "O4'" 1 
ATOM   433 C  "C3'" . DG  B 1 10 ? -13.558 6.129   2.471   1.00 20.70 ? 22  DG  B "C3'" 1 
ATOM   434 O  "O3'" . DG  B 1 10 ? -13.713 7.035   3.561   1.00 21.71 ? 22  DG  B "O3'" 1 
ATOM   435 C  "C2'" . DG  B 1 10 ? -12.909 6.875   1.323   1.00 18.08 ? 22  DG  B "C2'" 1 
ATOM   436 C  "C1'" . DG  B 1 10 ? -11.504 6.935   1.869   1.00 18.17 ? 22  DG  B "C1'" 1 
ATOM   437 N  N9    . DG  B 1 10 ? -10.458 7.308   0.924   1.00 15.37 ? 22  DG  B N9    1 
ATOM   438 C  C8    . DG  B 1 10 ? -10.447 7.096   -0.434  1.00 13.93 ? 22  DG  B C8    1 
ATOM   439 N  N7    . DG  B 1 10 ? -9.373  7.570   -1.014  1.00 13.37 ? 22  DG  B N7    1 
ATOM   440 C  C5    . DG  B 1 10 ? -8.635  8.109   0.024   1.00 12.52 ? 22  DG  B C5    1 
ATOM   441 C  C6    . DG  B 1 10 ? -7.384  8.739   0.012   1.00 12.25 ? 22  DG  B C6    1 
ATOM   442 O  O6    . DG  B 1 10 ? -6.624  8.923   -0.946  1.00 14.02 ? 22  DG  B O6    1 
ATOM   443 N  N1    . DG  B 1 10 ? -7.011  9.170   1.279   1.00 12.31 ? 22  DG  B N1    1 
ATOM   444 C  C2    . DG  B 1 10 ? -7.742  8.983   2.425   1.00 10.04 ? 22  DG  B C2    1 
ATOM   445 N  N2    . DG  B 1 10 ? -7.202  9.467   3.544   1.00 9.56  ? 22  DG  B N2    1 
ATOM   446 N  N3    . DG  B 1 10 ? -8.910  8.364   2.456   1.00 13.06 ? 22  DG  B N3    1 
ATOM   447 C  C4    . DG  B 1 10 ? -9.296  7.961   1.227   1.00 11.94 ? 22  DG  B C4    1 
ATOM   448 P  P     . DC  B 1 11 ? -15.156 7.674   3.876   1.00 24.66 ? 23  DC  B P     1 
ATOM   449 O  OP1   . DC  B 1 11 ? -16.059 6.615   4.364   1.00 23.30 ? 23  DC  B OP1   1 
ATOM   450 O  OP2   . DC  B 1 11 ? -15.564 8.519   2.712   1.00 24.65 ? 23  DC  B OP2   1 
ATOM   451 O  "O5'" . DC  B 1 11 ? -14.840 8.630   5.106   1.00 24.04 ? 23  DC  B "O5'" 1 
ATOM   452 C  "C5'" . DC  B 1 11 ? -14.020 8.199   6.178   1.00 20.03 ? 23  DC  B "C5'" 1 
ATOM   453 C  "C4'" . DC  B 1 11 ? -13.000 9.264   6.485   1.00 21.74 ? 23  DC  B "C4'" 1 
ATOM   454 O  "O4'" . DC  B 1 11 ? -11.939 9.191   5.502   1.00 20.14 ? 23  DC  B "O4'" 1 
ATOM   455 C  "C3'" . DC  B 1 11 ? -13.555 10.685  6.387   1.00 20.94 ? 23  DC  B "C3'" 1 
ATOM   456 O  "O3'" . DC  B 1 11 ? -13.838 11.203  7.688   1.00 21.19 ? 23  DC  B "O3'" 1 
ATOM   457 C  "C2'" . DC  B 1 11 ? -12.410 11.500  5.826   1.00 20.99 ? 23  DC  B "C2'" 1 
ATOM   458 C  "C1'" . DC  B 1 11 ? -11.418 10.490  5.263   1.00 20.60 ? 23  DC  B "C1'" 1 
ATOM   459 N  N1    . DC  B 1 11 ? -11.257 10.661  3.812   1.00 15.75 ? 23  DC  B N1    1 
ATOM   460 C  C2    . DC  B 1 11 ? -10.141 11.370  3.349   1.00 14.82 ? 23  DC  B C2    1 
ATOM   461 O  O2    . DC  B 1 11 ? -9.351  11.854  4.185   1.00 14.68 ? 23  DC  B O2    1 
ATOM   462 N  N3    . DC  B 1 11 ? -9.967  11.517  2.014   1.00 12.45 ? 23  DC  B N3    1 
ATOM   463 C  C4    . DC  B 1 11 ? -10.866 10.989  1.164   1.00 11.41 ? 23  DC  B C4    1 
ATOM   464 N  N4    . DC  B 1 11 ? -10.642 11.102  -0.145  1.00 10.93 ? 23  DC  B N4    1 
ATOM   465 C  C5    . DC  B 1 11 ? -12.026 10.303  1.618   1.00 13.14 ? 23  DC  B C5    1 
ATOM   466 C  C6    . DC  B 1 11 ? -12.178 10.156  2.938   1.00 14.33 ? 23  DC  B C6    1 
ATOM   467 P  P     . DG  B 1 12 ? -14.600 12.624  7.832   1.00 23.14 ? 24  DG  B P     1 
ATOM   468 O  OP1   . DG  B 1 12 ? -15.187 12.685  9.198   1.00 21.80 ? 24  DG  B OP1   1 
ATOM   469 O  OP2   . DG  B 1 12 ? -15.477 12.811  6.641   1.00 20.58 ? 24  DG  B OP2   1 
ATOM   470 O  "O5'" . DG  B 1 12 ? -13.462 13.733  7.769   1.00 19.67 ? 24  DG  B "O5'" 1 
ATOM   471 C  "C5'" . DG  B 1 12 ? -12.435 13.834  8.757   1.00 14.64 ? 24  DG  B "C5'" 1 
ATOM   472 C  "C4'" . DG  B 1 12 ? -11.365 14.799  8.289   1.00 15.41 ? 24  DG  B "C4'" 1 
ATOM   473 O  "O4'" . DG  B 1 12 ? -10.699 14.240  7.134   1.00 15.55 ? 24  DG  B "O4'" 1 
ATOM   474 C  "C3'" . DG  B 1 12 ? -11.885 16.161  7.808   1.00 16.01 ? 24  DG  B "C3'" 1 
ATOM   475 O  "O3'" . DG  B 1 12 ? -12.071 17.132  8.852   1.00 13.42 ? 24  DG  B "O3'" 1 
ATOM   476 C  "C2'" . DG  B 1 12 ? -10.806 16.613  6.838   1.00 14.14 ? 24  DG  B "C2'" 1 
ATOM   477 C  "C1'" . DG  B 1 12 ? -10.353 15.289  6.213   1.00 14.56 ? 24  DG  B "C1'" 1 
ATOM   478 N  N9    . DG  B 1 12 ? -10.957 14.968  4.916   1.00 13.70 ? 24  DG  B N9    1 
ATOM   479 C  C8    . DG  B 1 12 ? -12.155 14.338  4.681   1.00 12.25 ? 24  DG  B C8    1 
ATOM   480 N  N7    . DG  B 1 12 ? -12.399 14.160  3.408   1.00 12.24 ? 24  DG  B N7    1 
ATOM   481 C  C5    . DG  B 1 12 ? -11.296 14.709  2.766   1.00 11.29 ? 24  DG  B C5    1 
ATOM   482 C  C6    . DG  B 1 12 ? -10.982 14.786  1.382   1.00 9.19  ? 24  DG  B C6    1 
ATOM   483 O  O6    . DG  B 1 12 ? -11.647 14.380  0.428   1.00 12.77 ? 24  DG  B O6    1 
ATOM   484 N  N1    . DG  B 1 12 ? -9.762  15.411  1.166   1.00 9.92  ? 24  DG  B N1    1 
ATOM   485 C  C2    . DG  B 1 12 ? -8.947  15.900  2.145   1.00 9.10  ? 24  DG  B C2    1 
ATOM   486 N  N2    . DG  B 1 12 ? -7.811  16.500  1.740   1.00 11.50 ? 24  DG  B N2    1 
ATOM   487 N  N3    . DG  B 1 12 ? -9.223  15.824  3.445   1.00 13.69 ? 24  DG  B N3    1 
ATOM   488 C  C4    . DG  B 1 12 ? -10.402 15.221  3.675   1.00 11.14 ? 24  DG  B C4    1 
HETATM 489 MG MG    . MG  C 2 .  ? -7.051  10.563  -4.943  1.00 15.84 ? 25  MG  A MG    1 
HETATM 490 O  O     . HOH D 3 .  ? -9.577  -5.275  7.883   1.00 16.28 ? 28  HOH A O     1 
HETATM 491 O  O     . HOH D 3 .  ? -2.022  14.568  -3.965  1.00 18.08 ? 29  HOH A O     1 
HETATM 492 O  O     . HOH D 3 .  ? -3.683  -5.888  5.236   1.00 12.34 ? 32  HOH A O     1 
HETATM 493 O  O     . HOH D 3 .  ? -2.189  -2.943  -5.082  1.00 22.00 ? 33  HOH A O     1 
HETATM 494 O  O     . HOH D 3 .  ? 1.886   -0.944  5.167   1.00 21.09 ? 36  HOH A O     1 
HETATM 495 O  O     . HOH D 3 .  ? -1.026  8.600   -1.023  1.00 20.58 ? 37  HOH A O     1 
HETATM 496 O  O     . HOH D 3 .  ? 2.774   3.194   3.439   1.00 30.93 ? 38  HOH A O     1 
HETATM 497 O  O     . HOH D 3 .  ? -3.154  -2.404  -2.776  1.00 14.36 ? 39  HOH A O     1 
HETATM 498 O  O     . HOH D 3 .  ? 2.754   -3.169  -6.754  1.00 17.22 ? 40  HOH A O     1 
HETATM 499 O  O     . HOH D 3 .  ? 8.708   -6.448  -5.015  1.00 19.97 ? 41  HOH A O     1 
HETATM 500 O  O     . HOH D 3 .  ? -10.656 -3.135  4.652   1.00 19.01 ? 46  HOH A O     1 
HETATM 501 O  O     . HOH D 3 .  ? -3.417  -9.065  1.319   1.00 28.67 ? 47  HOH A O     1 
HETATM 502 O  O     . HOH D 3 .  ? -2.808  -4.166  8.636   1.00 17.87 ? 48  HOH A O     1 
HETATM 503 O  O     . HOH D 3 .  ? 16.181  -10.642 -8.213  1.00 29.71 ? 50  HOH A O     1 
HETATM 504 O  O     . HOH D 3 .  ? -2.509  -1.477  8.442   1.00 16.04 ? 51  HOH A O     1 
HETATM 505 O  O     . HOH D 3 .  ? -5.389  7.069   6.995   1.00 21.12 ? 53  HOH A O     1 
HETATM 506 O  O     . HOH D 3 .  ? 0.518   1.258   6.233   1.00 16.47 ? 54  HOH A O     1 
HETATM 507 O  O     . HOH D 3 .  ? 7.505   -4.593  -6.458  1.00 20.86 ? 56  HOH A O     1 
HETATM 508 O  O     . HOH D 3 .  ? -10.990 11.237  -3.890  1.00 17.76 ? 58  HOH A O     1 
HETATM 509 O  O     . HOH D 3 .  ? 2.385   -3.070  7.124   1.00 35.33 ? 59  HOH A O     1 
HETATM 510 O  O     . HOH D 3 .  ? -9.977  -2.705  8.612   1.00 25.63 ? 60  HOH A O     1 
HETATM 511 O  O     . HOH D 3 .  ? 6.700   -13.401 -6.434  1.00 26.53 ? 61  HOH A O     1 
HETATM 512 O  O     . HOH D 3 .  ? 0.727   9.531   0.988   1.00 31.09 ? 63  HOH A O     1 
HETATM 513 O  O     . HOH D 3 .  ? 5.134   -3.734  -5.090  1.00 15.32 ? 64  HOH A O     1 
HETATM 514 O  O     . HOH D 3 .  ? 1.091   -9.774  1.327   1.00 21.37 ? 65  HOH A O     1 
HETATM 515 O  O     . HOH D 3 .  ? -0.053  -0.268  8.979   1.00 26.77 ? 68  HOH A O     1 
HETATM 516 O  O     . HOH D 3 .  ? -7.664  0.244   12.988  1.00 26.13 ? 70  HOH A O     1 
HETATM 517 O  O     . HOH D 3 .  ? 1.493   -6.429  4.643   1.00 19.34 ? 71  HOH A O     1 
HETATM 518 O  O     . HOH D 3 .  ? -2.893  -8.067  3.817   1.00 20.61 ? 75  HOH A O     1 
HETATM 519 O  O     . HOH D 3 .  ? -1.942  10.304  -2.859  1.00 20.42 ? 76  HOH A O     1 
HETATM 520 O  O     . HOH D 3 .  ? -0.224  12.456  -2.975  1.00 22.95 ? 80  HOH A O     1 
HETATM 521 O  O     . HOH D 3 .  ? -4.967  8.146   9.631   1.00 26.85 ? 81  HOH A O     1 
HETATM 522 O  O     . HOH D 3 .  ? 5.899   -2.308  -10.011 1.00 27.70 ? 88  HOH A O     1 
HETATM 523 O  O     . HOH D 3 .  ? 2.560   -3.498  -9.456  1.00 35.08 ? 90  HOH A O     1 
HETATM 524 O  O     . HOH D 3 .  ? 12.407  -12.706 -8.019  1.00 33.99 ? 91  HOH A O     1 
HETATM 525 O  O     . HOH D 3 .  ? 1.341   5.197   4.778   1.00 27.51 ? 93  HOH A O     1 
HETATM 526 O  O     . HOH D 3 .  ? 0.922   -5.587  7.149   1.00 32.64 ? 95  HOH A O     1 
HETATM 527 O  O     . HOH D 3 .  ? -0.345  -8.381  4.109   1.00 22.23 ? 96  HOH A O     1 
HETATM 528 O  O     . HOH D 3 .  ? -2.498  0.563   12.250  1.00 27.31 ? 99  HOH A O     1 
HETATM 529 O  O     . HOH D 3 .  ? 5.012   -4.027  6.946   1.00 27.48 ? 100 HOH A O     1 
HETATM 530 O  O     . HOH D 3 .  ? -1.424  -10.136 -0.592  1.00 39.49 ? 102 HOH A O     1 
HETATM 531 O  O     . HOH D 3 .  ? -8.827  2.423   9.707   1.00 51.02 ? 104 HOH A O     1 
HETATM 532 O  O     . HOH D 3 .  ? 1.307   3.695   7.205   1.00 35.79 ? 106 HOH A O     1 
HETATM 533 O  O     . HOH D 3 .  ? -7.209  2.454   4.437   1.00 36.19 ? 107 HOH A O     1 
HETATM 534 O  O     . HOH D 3 .  ? -10.314 -1.091  6.346   1.00 29.82 ? 111 HOH A O     1 
HETATM 535 O  O     . HOH D 3 .  ? -6.301  -7.030  -5.845  1.00 37.73 ? 116 HOH A O     1 
HETATM 536 O  O     . HOH D 3 .  ? 8.002   -3.642  -8.832  1.00 36.80 ? 118 HOH A O     1 
HETATM 537 O  O     . HOH D 3 .  ? 19.736  -7.416  -8.275  1.00 52.44 ? 124 HOH A O     1 
HETATM 538 O  O     . HOH D 3 .  ? -2.326  -8.967  -10.235 1.00 64.71 ? 126 HOH A O     1 
HETATM 539 O  O     . HOH D 3 .  ? -3.071  17.775  -8.171  1.00 52.00 ? 127 HOH A O     1 
HETATM 540 O  O     . HOH D 3 .  ? 2.081   -11.908 -3.605  1.00 59.49 ? 132 HOH A O     1 
HETATM 541 O  O     . HOH D 3 .  ? -3.040  -3.771  -7.608  1.00 43.63 ? 137 HOH A O     1 
HETATM 542 O  O     . HOH D 3 .  ? 1.038   19.606  -2.548  1.00 50.84 ? 138 HOH A O     1 
HETATM 543 O  O     . HOH D 3 .  ? 19.733  -6.262  -5.280  1.00 35.72 ? 139 HOH A O     1 
HETATM 544 O  O     . HOH D 3 .  ? -7.785  4.128   7.213   1.00 36.20 ? 142 HOH A O     1 
HETATM 545 O  O     . HOH D 3 .  ? 6.410   -8.412  -12.582 1.00 32.23 ? 143 HOH A O     1 
HETATM 546 O  O     . HOH D 3 .  ? 3.199   11.837  3.269   1.00 55.31 ? 146 HOH A O     1 
HETATM 547 O  O     . HOH D 3 .  ? 5.691   10.842  4.720   1.00 48.54 ? 148 HOH A O     1 
HETATM 548 O  O     . HOH D 3 .  ? -8.794  -6.113  -2.821  1.00 51.91 ? 149 HOH A O     1 
HETATM 549 O  O     . HOH D 3 .  ? -3.828  -6.128  -9.104  1.00 54.47 ? 151 HOH A O     1 
HETATM 550 O  O     . HOH D 3 .  ? -5.743  -9.585  -8.006  1.00 53.65 ? 152 HOH A O     1 
HETATM 551 O  O     . HOH D 3 .  ? -3.877  -10.818 -2.187  1.00 44.09 ? 153 HOH A O     1 
HETATM 552 O  O     . HOH D 3 .  ? 3.027   7.823   4.438   1.00 65.74 ? 155 HOH A O     1 
HETATM 553 O  O     . HOH D 3 .  ? 2.772   -11.932 -0.185  1.00 63.37 ? 160 HOH A O     1 
HETATM 554 O  O     . HOH D 3 .  ? 0.840   10.536  11.309  1.00 76.23 ? 162 HOH A O     1 
HETATM 555 O  O     . HOH D 3 .  ? 8.152   -8.064  -14.482 1.00 52.26 ? 163 HOH A O     1 
HETATM 556 O  O     . HOH D 3 .  ? -6.949  -8.764  -3.908  1.00 39.40 ? 164 HOH A O     1 
HETATM 557 O  O     . HOH D 3 .  ? 11.216  -16.806 -3.833  1.00 71.00 ? 165 HOH A O     1 
HETATM 558 O  O     . HOH D 3 .  ? 2.929   8.794   10.048  1.00 66.94 ? 166 HOH A O     1 
HETATM 559 O  O     . HOH D 3 .  ? 6.545   0.441   -10.576 1.00 55.27 ? 167 HOH A O     1 
HETATM 560 O  O     . HOH D 3 .  ? -6.066  -11.748 -4.883  1.00 79.04 ? 170 HOH A O     1 
HETATM 561 O  O     . HOH D 3 .  ? -11.687 -7.987  -3.329  1.00 61.01 ? 171 HOH A O     1 
HETATM 562 O  O     . HOH D 3 .  ? 10.409  -12.337 -9.483  1.00 66.31 ? 172 HOH A O     1 
HETATM 563 O  O     . HOH D 3 .  ? -0.091  -3.672  -9.798  1.00 63.53 ? 174 HOH A O     1 
HETATM 564 O  O     . HOH D 3 .  ? 8.461   -4.906  -10.977 1.00 44.31 ? 175 HOH A O     1 
HETATM 565 O  O     . HOH D 3 .  ? -0.220  -10.799 -3.993  1.00 54.74 ? 178 HOH A O     1 
HETATM 566 O  O     . HOH D 3 .  ? -1.257  9.578   12.286  1.00 52.86 ? 179 HOH A O     1 
HETATM 567 O  O     . HOH D 3 .  ? 12.374  -10.669 -13.966 1.00 68.51 ? 180 HOH A O     1 
HETATM 568 O  O     . HOH D 3 .  ? 1.048   12.506  0.240   1.00 52.59 ? 181 HOH A O     1 
HETATM 569 O  O     . HOH D 3 .  ? 15.378  -8.367  -9.830  1.00 51.25 ? 184 HOH A O     1 
HETATM 570 O  O     . HOH D 3 .  ? 3.587   -12.327 -7.513  1.00 44.92 ? 186 HOH A O     1 
HETATM 571 O  O     . HOH D 3 .  ? -5.443  -13.375 -10.303 1.00 61.04 ? 188 HOH A O     1 
HETATM 572 O  O     . HOH D 3 .  ? 13.614  -5.721  -10.916 1.00 51.50 ? 189 HOH A O     1 
HETATM 573 O  O     . HOH D 3 .  ? 10.106  -18.591 -2.463  1.00 63.66 ? 190 HOH A O     1 
HETATM 574 O  O     . HOH D 3 .  ? -10.078 -8.729  -0.254  1.00 53.91 ? 191 HOH A O     1 
HETATM 575 O  O     . HOH D 3 .  ? -11.847 -11.287 -3.863  1.00 64.50 ? 192 HOH A O     1 
HETATM 576 O  O     . HOH D 3 .  ? -8.301  11.037  -3.380  1.00 15.98 ? 193 HOH A O     1 
HETATM 577 O  O     . HOH D 3 .  ? -5.725  11.994  -4.301  1.00 17.00 ? 196 HOH A O     1 
HETATM 578 O  O     . HOH E 3 .  ? 0.737   -3.109  -4.802  1.00 16.29 ? 26  HOH B O     1 
HETATM 579 O  O     . HOH E 3 .  ? 6.136   -6.151  5.464   1.00 19.56 ? 27  HOH B O     1 
HETATM 580 O  O     . HOH E 3 .  ? -11.846 16.418  -4.091  1.00 24.39 ? 30  HOH B O     1 
HETATM 581 O  O     . HOH E 3 .  ? -6.007  -0.505  0.481   1.00 22.04 ? 31  HOH B O     1 
HETATM 582 O  O     . HOH E 3 .  ? 5.688   2.332   0.268   1.00 21.31 ? 34  HOH B O     1 
HETATM 583 O  O     . HOH E 3 .  ? 1.207   4.170   -6.537  1.00 29.65 ? 35  HOH B O     1 
HETATM 584 O  O     . HOH E 3 .  ? 6.451   -0.615  3.373   1.00 26.54 ? 42  HOH B O     1 
HETATM 585 O  O     . HOH E 3 .  ? -5.992  -2.399  -1.664  1.00 16.03 ? 43  HOH B O     1 
HETATM 586 O  O     . HOH E 3 .  ? -9.491  7.359   -3.754  1.00 20.79 ? 44  HOH B O     1 
HETATM 587 O  O     . HOH E 3 .  ? -15.693 11.168  1.598   1.00 27.01 ? 45  HOH B O     1 
HETATM 588 O  O     . HOH E 3 .  ? 6.304   3.463   -3.677  1.00 26.15 ? 49  HOH B O     1 
HETATM 589 O  O     . HOH E 3 .  ? 4.035   -7.339  3.817   1.00 13.58 ? 52  HOH B O     1 
HETATM 590 O  O     . HOH E 3 .  ? -7.924  -3.571  -2.669  1.00 22.38 ? 55  HOH B O     1 
HETATM 591 O  O     . HOH E 3 .  ? 13.530  -11.232 9.289   1.00 15.16 ? 57  HOH B O     1 
HETATM 592 O  O     . HOH E 3 .  ? -14.997 13.046  3.743   1.00 36.40 ? 62  HOH B O     1 
HETATM 593 O  O     . HOH E 3 .  ? 9.972   0.414   5.455   1.00 30.07 ? 66  HOH B O     1 
HETATM 594 O  O     . HOH E 3 .  ? -11.481 14.574  -6.352  1.00 17.80 ? 67  HOH B O     1 
HETATM 595 O  O     . HOH E 3 .  ? -3.856  4.075   -6.774  1.00 27.38 ? 69  HOH B O     1 
HETATM 596 O  O     . HOH E 3 .  ? -8.058  -0.304  2.437   1.00 22.25 ? 72  HOH B O     1 
HETATM 597 O  O     . HOH E 3 .  ? 0.100   6.511   -2.806  1.00 17.59 ? 73  HOH B O     1 
HETATM 598 O  O     . HOH E 3 .  ? 3.465   3.859   0.737   1.00 17.12 ? 74  HOH B O     1 
HETATM 599 O  O     . HOH E 3 .  ? 3.820   0.528   3.410   1.00 30.35 ? 77  HOH B O     1 
HETATM 600 O  O     . HOH E 3 .  ? -4.349  7.190   -4.280  1.00 19.55 ? 78  HOH B O     1 
HETATM 601 O  O     . HOH E 3 .  ? 8.876   -6.192  8.536   1.00 41.58 ? 79  HOH B O     1 
HETATM 602 O  O     . HOH E 3 .  ? -12.708 16.131  -1.424  1.00 30.83 ? 82  HOH B O     1 
HETATM 603 O  O     . HOH E 3 .  ? -13.809 1.195   -3.580  1.00 21.17 ? 83  HOH B O     1 
HETATM 604 O  O     . HOH E 3 .  ? 10.070  -13.555 10.448  1.00 43.70 ? 84  HOH B O     1 
HETATM 605 O  O     . HOH E 3 .  ? -14.192 7.374   -1.964  1.00 39.91 ? 85  HOH B O     1 
HETATM 606 O  O     . HOH E 3 .  ? 6.879   -17.189 -4.187  1.00 32.25 ? 86  HOH B O     1 
HETATM 607 O  O     . HOH E 3 .  ? 5.169   -14.087 1.029   1.00 39.23 ? 87  HOH B O     1 
HETATM 608 O  O     . HOH E 3 .  ? 3.243   -10.302 4.223   1.00 26.41 ? 89  HOH B O     1 
HETATM 609 O  O     . HOH E 3 .  ? -9.797  7.107   4.982   1.00 27.44 ? 92  HOH B O     1 
HETATM 610 O  O     . HOH E 3 .  ? -9.019  4.210   3.658   1.00 40.34 ? 94  HOH B O     1 
HETATM 611 O  O     . HOH E 3 .  ? -13.212 -1.476  -3.030  1.00 38.48 ? 97  HOH B O     1 
HETATM 612 O  O     . HOH E 3 .  ? 7.458   -8.076  7.106   1.00 37.06 ? 98  HOH B O     1 
HETATM 613 O  O     . HOH E 3 .  ? -11.619 16.404  11.762  1.00 27.54 ? 101 HOH B O     1 
HETATM 614 O  O     . HOH E 3 .  ? 7.624   1.690   2.474   1.00 28.26 ? 103 HOH B O     1 
HETATM 615 O  O     . HOH E 3 .  ? -12.914 4.027   6.322   1.00 43.65 ? 105 HOH B O     1 
HETATM 616 O  O     . HOH E 3 .  ? -10.326 -1.310  2.447   1.00 35.89 ? 108 HOH B O     1 
HETATM 617 O  O     . HOH E 3 .  ? 10.540  -18.553 8.079   1.00 36.33 ? 109 HOH B O     1 
HETATM 618 O  O     . HOH E 3 .  ? -13.926 13.544  -0.063  1.00 36.30 ? 110 HOH B O     1 
HETATM 619 O  O     . HOH E 3 .  ? -16.323 7.634   -0.057  1.00 37.54 ? 112 HOH B O     1 
HETATM 620 O  O     . HOH E 3 .  ? 11.130  4.056   -6.812  1.00 36.52 ? 113 HOH B O     1 
HETATM 621 O  O     . HOH E 3 .  ? -15.033 13.367  11.987  1.00 35.09 ? 114 HOH B O     1 
HETATM 622 O  O     . HOH E 3 .  ? -8.220  5.030   -5.114  1.00 31.62 ? 115 HOH B O     1 
HETATM 623 O  O     . HOH E 3 .  ? 5.134   -14.141 -2.273  1.00 54.83 ? 117 HOH B O     1 
HETATM 624 O  O     . HOH E 3 .  ? 8.800   -21.305 6.700   1.00 49.07 ? 119 HOH B O     1 
HETATM 625 O  O     . HOH E 3 .  ? 11.274  -20.046 1.136   1.00 34.51 ? 120 HOH B O     1 
HETATM 626 O  O     . HOH E 3 .  ? -12.505 0.244   3.377   1.00 39.90 ? 121 HOH B O     1 
HETATM 627 O  O     . HOH E 3 .  ? -17.503 7.913   6.503   1.00 44.33 ? 122 HOH B O     1 
HETATM 628 O  O     . HOH E 3 .  ? -1.636  6.906   -4.894  1.00 32.23 ? 123 HOH B O     1 
HETATM 629 O  O     . HOH E 3 .  ? 3.994   6.368   -0.338  1.00 42.13 ? 125 HOH B O     1 
HETATM 630 O  O     . HOH E 3 .  ? -12.842 9.782   -1.823  1.00 42.46 ? 128 HOH B O     1 
HETATM 631 O  O     . HOH E 3 .  ? -16.652 5.873   8.184   1.00 45.02 ? 129 HOH B O     1 
HETATM 632 O  O     . HOH E 3 .  ? -6.728  -3.914  -5.480  1.00 48.90 ? 130 HOH B O     1 
HETATM 633 O  O     . HOH E 3 .  ? -12.350 13.766  12.501  1.00 52.57 ? 131 HOH B O     1 
HETATM 634 O  O     . HOH E 3 .  ? -9.595  -3.467  0.124   1.00 43.91 ? 133 HOH B O     1 
HETATM 635 O  O     . HOH E 3 .  ? 5.555   -20.235 6.249   1.00 49.91 ? 134 HOH B O     1 
HETATM 636 O  O     . HOH E 3 .  ? 4.972   4.584   -6.159  1.00 41.65 ? 135 HOH B O     1 
HETATM 637 O  O     . HOH E 3 .  ? 3.305   8.554   1.208   1.00 36.87 ? 136 HOH B O     1 
HETATM 638 O  O     . HOH E 3 .  ? -1.334  5.133   -6.487  1.00 44.72 ? 140 HOH B O     1 
HETATM 639 O  O     . HOH E 3 .  ? 6.020   -11.510 7.077   1.00 44.00 ? 141 HOH B O     1 
HETATM 640 O  O     . HOH E 3 .  ? -1.783  2.865   -10.576 1.00 32.08 ? 144 HOH B O     1 
HETATM 641 O  O     . HOH E 3 .  ? -16.342 2.673   2.337   1.00 49.35 ? 145 HOH B O     1 
HETATM 642 O  O     . HOH E 3 .  ? 10.509  -1.410  -8.278  1.00 46.10 ? 147 HOH B O     1 
HETATM 643 O  O     . HOH E 3 .  ? 5.502   -14.665 9.251   1.00 51.57 ? 150 HOH B O     1 
HETATM 644 O  O     . HOH E 3 .  ? -6.104  4.050   -9.607  1.00 45.53 ? 154 HOH B O     1 
HETATM 645 O  O     . HOH E 3 .  ? -0.620  4.952   -9.486  1.00 51.92 ? 156 HOH B O     1 
HETATM 646 O  O     . HOH E 3 .  ? 14.587  1.454   -1.090  1.00 35.42 ? 157 HOH B O     1 
HETATM 647 O  O     . HOH E 3 .  ? 8.351   3.009   0.020   1.00 59.74 ? 158 HOH B O     1 
HETATM 648 O  O     . HOH E 3 .  ? 14.922  -3.352  5.768   1.00 45.00 ? 159 HOH B O     1 
HETATM 649 O  O     . HOH E 3 .  ? 7.803   -9.269  10.676  1.00 52.44 ? 161 HOH B O     1 
HETATM 650 O  O     . HOH E 3 .  ? -15.159 10.392  10.979  1.00 74.75 ? 168 HOH B O     1 
HETATM 651 O  O     . HOH E 3 .  ? 8.590   -2.413  6.645   1.00 57.08 ? 169 HOH B O     1 
HETATM 652 O  O     . HOH E 3 .  ? -8.589  2.734   -8.401  1.00 65.38 ? 173 HOH B O     1 
HETATM 653 O  O     . HOH E 3 .  ? -0.829  0.564   -11.159 1.00 65.21 ? 176 HOH B O     1 
HETATM 654 O  O     . HOH E 3 .  ? -12.952 5.351   -2.475  1.00 82.62 ? 177 HOH B O     1 
HETATM 655 O  O     . HOH E 3 .  ? -8.079  -1.856  -8.411  1.00 79.01 ? 182 HOH B O     1 
HETATM 656 O  O     . HOH E 3 .  ? 12.798  -5.550  8.944   1.00 58.28 ? 183 HOH B O     1 
HETATM 657 O  O     . HOH E 3 .  ? -13.280 -1.184  -6.442  1.00 49.43 ? 185 HOH B O     1 
HETATM 658 O  O     . HOH E 3 .  ? 4.917   -17.789 1.362   1.00 58.89 ? 187 HOH B O     1 
HETATM 659 O  O     . HOH E 3 .  ? -5.733  9.976   -6.444  1.00 16.32 ? 194 HOH B O     1 
HETATM 660 O  O     . HOH E 3 .  ? -8.441  9.274   -5.680  1.00 16.78 ? 195 HOH B O     1 
HETATM 661 O  O     . HOH E 3 .  ? -7.885  12.004  -6.166  1.00 14.51 ? 197 HOH B O     1 
HETATM 662 O  O     . HOH E 3 .  ? -6.263  9.096   -3.700  1.00 14.78 ? 198 HOH B O     1 
# 
